data_8JKZ
#
_entry.id   8JKZ
#
_cell.length_a   1.00
_cell.length_b   1.00
_cell.length_c   1.00
_cell.angle_alpha   90.00
_cell.angle_beta   90.00
_cell.angle_gamma   90.00
#
_symmetry.space_group_name_H-M   'P 1'
#
loop_
_entity.id
_entity.type
_entity.pdbx_description
1 polymer 'Sir2 superfamily protein'
2 polymer 'Piwi domain protein'
3 non-polymer NICOTINAMIDE-ADENINE-DINUCLEOTIDE
#
loop_
_entity_poly.entity_id
_entity_poly.type
_entity_poly.pdbx_seq_one_letter_code
_entity_poly.pdbx_strand_id
1 'polypeptide(L)'
;MDVLTDNEFYQHYLQNSQHMMWFLGAGTSRSAGLPTASDIIWDLKHRYYCLHENQDYQKHDINNHAIKSKIQSYMDSKGF
PLQWSPEEYSFYFELVFRDDYEAQRKYLLEALASRKVSLNIGHRVLAALLEMNQTKVVFTTNFDDVIETAFSDISGKHLS
VYHLEGSYAALSALNTEAFPIYAKIHGDFRYQKIKNLTPDLQTNDREIHKCFLAAAIRFGLVVSGYSGRDENVMTMLRAA
IDQNNAFPHGLYWTVPSISKSEPAVQDLITYAQGKGVRAYLVETGTFDEMLSKIWRQVKDKPAAIDAKVRTARVCPVSIP
LPGPGKSFPALRTNALPVVTQSIRCGVVTLASPITFSELKERISQKSPKALLTYTEKVLFLGGEPEIRKIFSNDEINSIG
QYYIDEIAQSVAASTFLKSFVEEAILTALLREKPILHRVRHRTHYAVIPNASAKDDRFLDLRKAVGFKGDLGYITGNVTN
AKELSWAEAVSIRLEERGGKLWIMLKPEIWIKPLDRREEATDFIRSRRRYRFNQCSYQILDAWIKILFGSIGGGGTVNIS
CFPDAEFKAEFEIGTRTAFSLGVG
;
A
2 'polypeptide(L)'
;MADNLSQLAAHSTIPEPLLLFKDNRTDTHPLRGLSQYGPYSACFNLPGQVRLAYLAPTEHMRKLDAIVRELQNPATPKEA
TNYYVEYGGFEKVFKVPLVMPQEHLRCLALDECHGVAANGNGLALADKIVQSMSGLFRQKHAFDVLLVYLPASWKKCFEY
DGFDLHDRIKAKVAPLNLPIQIINDTALTRQCRANVMWGVSVALYAKAGGIPWKLADWDKDEAYIGLSYAIKKNAEGQEY
TTCCSQVFDPDGTGFEFVAYDTREFITDRKGNPYLSYQEMQSVLSKSLHLYQSSHNGRMPRKIFIHKTTHFTEDEIQGAF
DSFSSSTEIELVQIIQSTNWYGLKVDGKKGDKPVAPASYPVDRGLYQPLTESECLLWTQGSVMGVNQQNPGQPVFKEAAL
TPLPNPIMLRRFSGNGGWHATCSSILALTKVDWNNNTLYKKLPVTLVYSQVFADVVKQTPEIVNEIYDYRFFM
;
B
#
loop_
_chem_comp.id
_chem_comp.type
_chem_comp.name
_chem_comp.formula
NAD non-polymer NICOTINAMIDE-ADENINE-DINUCLEOTIDE 'C21 H27 N7 O14 P2'
#
# COMPACT_ATOMS: atom_id res chain seq x y z
N MET A 1 -12.26 15.61 31.66
CA MET A 1 -12.03 15.31 33.07
C MET A 1 -11.72 13.83 33.28
N ASP A 2 -10.79 13.55 34.19
CA ASP A 2 -10.38 12.18 34.51
C ASP A 2 -9.89 11.43 33.27
N VAL A 3 -9.06 12.11 32.48
CA VAL A 3 -8.46 11.55 31.27
C VAL A 3 -6.95 11.67 31.39
N LEU A 4 -6.26 10.55 31.14
CA LEU A 4 -4.81 10.52 31.12
C LEU A 4 -4.32 10.06 29.75
N THR A 5 -3.12 10.50 29.39
CA THR A 5 -2.46 10.02 28.19
C THR A 5 -2.00 8.58 28.41
N ASP A 6 -1.67 7.91 27.29
CA ASP A 6 -1.18 6.54 27.40
C ASP A 6 0.13 6.48 28.17
N ASN A 7 1.00 7.48 27.98
CA ASN A 7 2.26 7.51 28.72
C ASN A 7 2.03 7.58 30.21
N GLU A 8 1.05 8.35 30.65
CA GLU A 8 0.74 8.43 32.08
C GLU A 8 0.29 7.09 32.64
N PHE A 9 -0.46 6.32 31.84
CA PHE A 9 -0.82 4.96 32.22
C PHE A 9 0.19 3.95 31.66
N TYR A 10 1.47 4.27 31.80
CA TYR A 10 2.52 3.27 31.63
C TYR A 10 3.61 3.35 32.69
N GLN A 11 3.80 4.49 33.34
CA GLN A 11 4.70 4.57 34.49
C GLN A 11 4.01 4.15 35.77
N HIS A 12 2.72 4.43 35.91
CA HIS A 12 1.98 3.98 37.09
C HIS A 12 1.88 2.46 37.12
N TYR A 13 1.69 1.84 35.95
CA TYR A 13 1.64 0.38 35.89
C TYR A 13 3.01 -0.24 36.13
N LEU A 14 4.08 0.41 35.69
CA LEU A 14 5.42 -0.15 35.84
C LEU A 14 5.78 -0.29 37.32
N GLN A 15 5.46 0.70 38.13
CA GLN A 15 5.75 0.63 39.56
C GLN A 15 4.84 -0.39 40.26
N ASN A 16 3.54 -0.33 39.99
CA ASN A 16 2.54 -1.09 40.73
C ASN A 16 1.99 -2.26 39.92
N SER A 17 2.84 -2.92 39.13
CA SER A 17 2.39 -4.07 38.36
C SER A 17 1.96 -5.23 39.24
N GLN A 18 2.36 -5.25 40.52
CA GLN A 18 2.01 -6.36 41.39
C GLN A 18 0.66 -6.15 42.07
N HIS A 19 0.20 -4.91 42.18
CA HIS A 19 -1.06 -4.58 42.85
C HIS A 19 -2.19 -4.34 41.85
N MET A 20 -2.23 -5.07 40.74
CA MET A 20 -3.23 -4.86 39.71
C MET A 20 -3.89 -6.19 39.33
N MET A 21 -5.21 -6.17 39.19
CA MET A 21 -5.97 -7.29 38.70
C MET A 21 -6.77 -6.86 37.48
N TRP A 22 -6.95 -7.78 36.54
CA TRP A 22 -7.53 -7.46 35.24
C TRP A 22 -8.96 -7.97 35.15
N PHE A 23 -9.82 -7.15 34.54
CA PHE A 23 -11.21 -7.52 34.24
C PHE A 23 -11.37 -7.47 32.72
N LEU A 24 -11.28 -8.63 32.07
CA LEU A 24 -11.34 -8.68 30.62
C LEU A 24 -12.78 -8.63 30.11
N GLY A 25 -12.95 -8.82 28.81
CA GLY A 25 -14.26 -8.82 28.20
C GLY A 25 -14.25 -9.50 26.84
N ALA A 26 -15.26 -9.24 26.01
CA ALA A 26 -15.32 -9.83 24.69
C ALA A 26 -14.47 -9.10 23.66
N GLY A 27 -13.97 -7.91 23.98
CA GLY A 27 -13.09 -7.22 23.07
C GLY A 27 -11.66 -7.71 23.11
N THR A 28 -11.31 -8.47 24.15
CA THR A 28 -9.96 -9.01 24.30
C THR A 28 -9.86 -10.41 23.68
N SER A 29 -10.88 -10.73 22.90
CA SER A 29 -10.94 -12.02 22.20
C SER A 29 -11.35 -11.80 20.76
N ARG A 30 -11.62 -10.55 20.38
CA ARG A 30 -12.01 -10.23 19.02
C ARG A 30 -10.86 -10.44 18.04
N SER A 31 -9.62 -10.21 18.46
CA SER A 31 -8.45 -10.39 17.61
C SER A 31 -8.07 -11.84 17.45
N ALA A 32 -8.71 -12.75 18.17
CA ALA A 32 -8.41 -14.17 18.10
C ALA A 32 -9.31 -14.92 17.14
N GLY A 33 -10.33 -14.27 16.58
CA GLY A 33 -11.21 -14.92 15.63
C GLY A 33 -12.68 -14.91 16.03
N LEU A 34 -12.93 -15.00 17.33
CA LEU A 34 -14.31 -15.08 17.80
C LEU A 34 -14.98 -13.71 17.71
N PRO A 35 -16.12 -13.60 17.02
CA PRO A 35 -16.84 -12.33 16.99
C PRO A 35 -17.40 -11.96 18.36
N THR A 36 -17.58 -10.67 18.58
CA THR A 36 -18.10 -10.17 19.84
C THR A 36 -19.62 -10.08 19.76
N ALA A 37 -20.24 -9.49 20.80
CA ALA A 37 -21.68 -9.32 20.79
C ALA A 37 -22.10 -8.20 19.83
N SER A 38 -21.28 -7.17 19.71
CA SER A 38 -21.60 -6.07 18.80
C SER A 38 -21.64 -6.54 17.36
N ASP A 39 -20.71 -7.42 16.97
CA ASP A 39 -20.70 -7.92 15.60
C ASP A 39 -21.95 -8.72 15.29
N ILE A 40 -22.35 -9.61 16.21
CA ILE A 40 -23.55 -10.41 16.00
C ILE A 40 -24.78 -9.51 15.94
N ILE A 41 -24.86 -8.53 16.83
CA ILE A 41 -26.02 -7.64 16.87
C ILE A 41 -26.10 -6.83 15.57
N TRP A 42 -24.97 -6.32 15.10
CA TRP A 42 -24.96 -5.58 13.84
C TRP A 42 -25.33 -6.46 12.65
N ASP A 43 -24.87 -7.71 12.65
CA ASP A 43 -25.26 -8.64 11.58
C ASP A 43 -26.77 -8.82 11.57
N LEU A 44 -27.36 -9.05 12.75
CA LEU A 44 -28.80 -9.20 12.83
C LEU A 44 -29.52 -7.93 12.37
N LYS A 45 -28.99 -6.76 12.76
CA LYS A 45 -29.65 -5.51 12.40
C LYS A 45 -29.63 -5.28 10.90
N HIS A 46 -28.49 -5.51 10.23
CA HIS A 46 -28.48 -5.21 8.80
C HIS A 46 -29.17 -6.32 8.02
N ARG A 47 -29.34 -7.49 8.61
CA ARG A 47 -30.20 -8.49 7.99
C ARG A 47 -31.67 -8.08 8.09
N TYR A 48 -32.10 -7.59 9.25
CA TYR A 48 -33.48 -7.11 9.39
C TYR A 48 -33.75 -5.90 8.51
N TYR A 49 -32.80 -4.98 8.41
CA TYR A 49 -32.91 -3.76 7.62
C TYR A 49 -33.19 -4.03 6.14
N CYS A 50 -33.15 -5.29 5.71
CA CYS A 50 -33.22 -5.65 4.30
C CYS A 50 -32.07 -5.04 3.51
N LEU A 51 -30.96 -4.77 4.20
CA LEU A 51 -29.74 -4.34 3.52
C LEU A 51 -29.18 -5.45 2.64
N HIS A 52 -29.49 -6.71 2.95
CA HIS A 52 -29.06 -7.84 2.16
C HIS A 52 -30.14 -8.91 2.26
N GLU A 53 -29.81 -10.14 1.87
CA GLU A 53 -30.75 -11.24 1.92
C GLU A 53 -31.24 -11.45 3.35
N ASN A 54 -32.52 -11.19 3.60
CA ASN A 54 -33.09 -11.22 4.93
C ASN A 54 -33.58 -12.61 5.34
N GLN A 55 -33.18 -13.66 4.63
CA GLN A 55 -33.58 -15.02 4.98
C GLN A 55 -32.39 -15.87 5.43
N ASP A 56 -31.38 -16.03 4.58
CA ASP A 56 -30.14 -16.70 4.97
C ASP A 56 -29.08 -16.39 3.93
N TYR A 57 -28.03 -15.70 4.33
CA TYR A 57 -26.91 -15.36 3.44
C TYR A 57 -25.78 -14.77 4.28
N GLN A 58 -24.76 -14.27 3.59
CA GLN A 58 -23.60 -13.64 4.21
C GLN A 58 -23.09 -12.57 3.26
N LYS A 59 -21.83 -12.17 3.45
CA LYS A 59 -21.09 -11.25 2.56
C LYS A 59 -21.86 -9.96 2.31
N HIS A 60 -22.00 -9.20 3.39
CA HIS A 60 -22.53 -7.85 3.30
C HIS A 60 -21.63 -6.99 2.41
N ASP A 61 -22.23 -6.06 1.68
CA ASP A 61 -21.47 -5.25 0.75
C ASP A 61 -20.81 -4.06 1.43
N ILE A 62 -21.62 -3.16 2.01
CA ILE A 62 -21.12 -1.94 2.63
C ILE A 62 -21.58 -1.92 4.08
N ASN A 63 -20.65 -1.66 5.00
CA ASN A 63 -20.97 -1.38 6.40
C ASN A 63 -20.66 0.07 6.75
N ASN A 64 -19.42 0.51 6.52
CA ASN A 64 -19.02 1.90 6.69
C ASN A 64 -19.29 2.39 8.11
N HIS A 65 -19.23 3.70 8.32
CA HIS A 65 -19.64 4.31 9.58
C HIS A 65 -20.82 5.25 9.41
N ALA A 66 -21.18 5.62 8.19
CA ALA A 66 -22.39 6.38 7.92
C ALA A 66 -23.60 5.47 7.75
N ILE A 67 -23.42 4.35 7.06
CA ILE A 67 -24.49 3.37 6.90
C ILE A 67 -24.89 2.80 8.26
N LYS A 68 -23.90 2.51 9.11
CA LYS A 68 -24.19 1.99 10.45
C LYS A 68 -25.00 2.98 11.26
N SER A 69 -24.63 4.26 11.21
CA SER A 69 -25.37 5.28 11.93
C SER A 69 -26.78 5.44 11.36
N LYS A 70 -26.92 5.36 10.04
CA LYS A 70 -28.25 5.43 9.43
C LYS A 70 -29.13 4.29 9.91
N ILE A 71 -28.59 3.07 9.93
CA ILE A 71 -29.36 1.93 10.41
C ILE A 71 -29.73 2.09 11.89
N GLN A 72 -28.78 2.53 12.71
CA GLN A 72 -29.08 2.68 14.14
C GLN A 72 -30.15 3.74 14.37
N SER A 73 -30.07 4.86 13.64
CA SER A 73 -31.08 5.90 13.78
C SER A 73 -32.45 5.41 13.31
N TYR A 74 -32.47 4.64 12.21
CA TYR A 74 -33.74 4.10 11.73
C TYR A 74 -34.35 3.16 12.75
N MET A 75 -33.52 2.34 13.40
CA MET A 75 -34.01 1.48 14.48
C MET A 75 -34.54 2.31 15.64
N ASP A 76 -33.81 3.35 16.04
CA ASP A 76 -34.21 4.14 17.20
C ASP A 76 -35.47 4.95 16.92
N SER A 77 -35.77 5.19 15.63
CA SER A 77 -36.94 5.99 15.28
C SER A 77 -38.24 5.33 15.74
N LYS A 78 -38.34 4.01 15.58
CA LYS A 78 -39.60 3.33 15.92
C LYS A 78 -39.75 3.14 17.43
N GLY A 79 -38.67 3.30 18.19
CA GLY A 79 -38.74 3.09 19.62
C GLY A 79 -38.00 1.85 20.07
N PHE A 80 -37.06 1.41 19.25
CA PHE A 80 -36.28 0.22 19.56
C PHE A 80 -35.34 0.50 20.74
N PRO A 81 -34.85 -0.54 21.45
CA PRO A 81 -34.02 -0.32 22.65
C PRO A 81 -32.80 0.57 22.35
N LEU A 82 -32.41 1.41 23.31
CA LEU A 82 -31.23 2.29 23.12
C LEU A 82 -30.00 1.42 22.87
N GLN A 83 -28.95 2.00 22.29
CA GLN A 83 -27.69 1.25 22.05
C GLN A 83 -27.03 0.95 23.39
N TRP A 84 -26.12 -0.04 23.41
CA TRP A 84 -25.43 -0.42 24.64
C TRP A 84 -26.41 -0.68 25.77
N SER A 85 -27.36 -1.58 25.53
CA SER A 85 -28.33 -1.98 26.53
C SER A 85 -28.42 -3.49 26.59
N PRO A 86 -28.64 -4.07 27.77
CA PRO A 86 -28.79 -5.53 27.87
C PRO A 86 -30.00 -6.07 27.15
N GLU A 87 -31.05 -5.26 26.97
CA GLU A 87 -32.26 -5.71 26.30
C GLU A 87 -32.05 -5.88 24.80
N GLU A 88 -30.95 -5.37 24.26
CA GLU A 88 -30.79 -5.27 22.80
C GLU A 88 -30.58 -6.63 22.15
N TYR A 89 -29.78 -7.49 22.77
CA TYR A 89 -29.45 -8.79 22.18
C TYR A 89 -30.71 -9.61 21.90
N SER A 90 -31.45 -9.95 22.97
CA SER A 90 -32.62 -10.82 22.81
C SER A 90 -33.69 -10.14 21.97
N PHE A 91 -33.86 -8.83 22.13
CA PHE A 91 -34.88 -8.12 21.36
C PHE A 91 -34.60 -8.21 19.87
N TYR A 92 -33.36 -7.94 19.46
CA TYR A 92 -33.03 -8.03 18.04
C TYR A 92 -33.10 -9.46 17.54
N PHE A 93 -32.69 -10.43 18.37
CA PHE A 93 -32.78 -11.83 17.94
C PHE A 93 -34.23 -12.22 17.66
N GLU A 94 -35.13 -11.89 18.59
CA GLU A 94 -36.54 -12.23 18.42
C GLU A 94 -37.15 -11.48 17.24
N LEU A 95 -36.78 -10.21 17.07
CA LEU A 95 -37.31 -9.44 15.95
C LEU A 95 -36.89 -10.03 14.61
N VAL A 96 -35.60 -10.37 14.49
CA VAL A 96 -35.10 -10.87 13.20
C VAL A 96 -35.65 -12.25 12.90
N PHE A 97 -35.65 -13.15 13.89
CA PHE A 97 -35.98 -14.54 13.60
C PHE A 97 -37.44 -14.90 13.87
N ARG A 98 -38.07 -14.27 14.86
CA ARG A 98 -39.50 -14.46 15.13
C ARG A 98 -39.81 -15.96 15.32
N ASP A 99 -39.27 -16.49 16.42
CA ASP A 99 -39.31 -17.92 16.74
C ASP A 99 -38.41 -18.65 15.76
N ASP A 100 -38.79 -19.86 15.33
CA ASP A 100 -37.96 -20.71 14.49
C ASP A 100 -36.61 -20.98 15.17
N TYR A 101 -36.70 -21.68 16.30
CA TYR A 101 -35.51 -22.01 17.08
C TYR A 101 -34.50 -22.78 16.23
N GLU A 102 -34.99 -23.56 15.27
CA GLU A 102 -34.08 -24.25 14.35
C GLU A 102 -33.26 -23.26 13.55
N ALA A 103 -33.89 -22.19 13.05
CA ALA A 103 -33.14 -21.16 12.32
C ALA A 103 -32.13 -20.47 13.22
N GLN A 104 -32.49 -20.23 14.48
CA GLN A 104 -31.55 -19.70 15.45
C GLN A 104 -30.32 -20.60 15.57
N ARG A 105 -30.55 -21.91 15.69
CA ARG A 105 -29.43 -22.84 15.84
C ARG A 105 -28.58 -22.87 14.58
N LYS A 106 -29.20 -22.82 13.40
CA LYS A 106 -28.40 -22.75 12.18
C LYS A 106 -27.56 -21.49 12.13
N TYR A 107 -28.12 -20.36 12.58
CA TYR A 107 -27.35 -19.12 12.55
C TYR A 107 -26.15 -19.19 13.49
N LEU A 108 -26.37 -19.65 14.73
CA LEU A 108 -25.24 -19.77 15.65
C LEU A 108 -24.23 -20.84 15.25
N LEU A 109 -24.66 -21.90 14.55
CA LEU A 109 -23.72 -22.90 14.09
C LEU A 109 -23.09 -22.55 12.76
N GLU A 110 -23.57 -21.51 12.08
CA GLU A 110 -22.92 -21.00 10.88
C GLU A 110 -21.99 -19.84 11.16
N ALA A 111 -22.22 -19.10 12.25
CA ALA A 111 -21.39 -17.95 12.57
C ALA A 111 -20.25 -18.25 13.51
N LEU A 112 -20.22 -19.43 14.14
CA LEU A 112 -19.18 -19.68 15.13
C LEU A 112 -18.65 -21.13 15.08
N ALA A 113 -18.86 -21.84 13.98
CA ALA A 113 -18.34 -23.21 13.88
C ALA A 113 -16.98 -23.24 13.19
N SER A 114 -16.91 -22.74 11.96
CA SER A 114 -15.66 -22.76 11.18
C SER A 114 -14.87 -21.47 11.42
N ARG A 115 -14.69 -21.15 12.70
CA ARG A 115 -13.87 -20.02 13.12
C ARG A 115 -12.57 -20.56 13.70
N LYS A 116 -11.48 -20.39 12.97
CA LYS A 116 -10.18 -20.88 13.42
C LYS A 116 -9.68 -20.02 14.57
N VAL A 117 -9.93 -20.46 15.80
CA VAL A 117 -9.47 -19.72 16.97
C VAL A 117 -7.95 -19.88 17.08
N SER A 118 -7.25 -18.75 17.11
CA SER A 118 -5.80 -18.74 17.17
C SER A 118 -5.34 -17.60 18.06
N LEU A 119 -4.12 -17.73 18.59
CA LEU A 119 -3.61 -16.78 19.55
C LEU A 119 -3.09 -15.52 18.86
N ASN A 120 -3.05 -14.43 19.62
CA ASN A 120 -2.43 -13.18 19.20
C ASN A 120 -1.33 -12.80 20.19
N ILE A 121 -0.76 -11.61 19.99
CA ILE A 121 0.35 -11.19 20.84
C ILE A 121 -0.14 -10.88 22.25
N GLY A 122 -1.31 -10.24 22.37
CA GLY A 122 -1.80 -9.85 23.68
C GLY A 122 -2.08 -11.03 24.59
N HIS A 123 -2.68 -12.09 24.06
CA HIS A 123 -2.98 -13.26 24.87
C HIS A 123 -1.71 -13.96 25.32
N ARG A 124 -0.71 -14.07 24.45
CA ARG A 124 0.56 -14.66 24.85
C ARG A 124 1.25 -13.82 25.92
N VAL A 125 1.20 -12.49 25.77
CA VAL A 125 1.81 -11.62 26.77
C VAL A 125 1.11 -11.78 28.11
N LEU A 126 -0.22 -11.84 28.10
CA LEU A 126 -0.96 -12.02 29.35
C LEU A 126 -0.65 -13.37 30.00
N ALA A 127 -0.53 -14.42 29.19
CA ALA A 127 -0.16 -15.72 29.72
C ALA A 127 1.23 -15.69 30.34
N ALA A 128 2.17 -15.00 29.69
CA ALA A 128 3.51 -14.87 30.25
C ALA A 128 3.47 -14.11 31.57
N LEU A 129 2.73 -13.00 31.62
CA LEU A 129 2.59 -12.23 32.86
C LEU A 129 1.90 -13.05 33.95
N LEU A 130 1.07 -14.02 33.58
CA LEU A 130 0.51 -14.93 34.57
C LEU A 130 1.52 -15.96 35.04
N GLU A 131 2.43 -16.39 34.15
CA GLU A 131 3.47 -17.34 34.54
C GLU A 131 4.39 -16.76 35.59
N MET A 132 5.13 -15.72 35.25
CA MET A 132 5.95 -15.01 36.23
C MET A 132 5.05 -14.10 37.05
N ASN A 133 5.10 -14.26 38.38
CA ASN A 133 4.05 -13.75 39.25
C ASN A 133 4.11 -12.23 39.32
N GLN A 134 3.50 -11.60 38.33
CA GLN A 134 3.29 -10.15 38.30
C GLN A 134 1.82 -9.79 38.44
N THR A 135 0.95 -10.45 37.68
CA THR A 135 -0.49 -10.29 37.81
C THR A 135 -1.07 -11.54 38.45
N LYS A 136 -1.93 -11.35 39.46
CA LYS A 136 -2.47 -12.46 40.22
C LYS A 136 -3.89 -12.82 39.84
N VAL A 137 -4.81 -11.85 39.89
CA VAL A 137 -6.23 -12.09 39.71
C VAL A 137 -6.65 -11.60 38.34
N VAL A 138 -7.38 -12.44 37.61
CA VAL A 138 -7.95 -12.08 36.32
C VAL A 138 -9.43 -12.44 36.33
N PHE A 139 -10.27 -11.48 35.99
CA PHE A 139 -11.72 -11.70 35.88
C PHE A 139 -12.16 -11.54 34.44
N THR A 140 -13.16 -12.32 34.06
CA THR A 140 -13.63 -12.30 32.67
C THR A 140 -15.10 -12.66 32.63
N THR A 141 -15.75 -12.27 31.54
CA THR A 141 -17.14 -12.63 31.26
C THR A 141 -17.28 -13.44 29.98
N ASN A 142 -16.18 -13.99 29.46
CA ASN A 142 -16.22 -14.70 28.19
C ASN A 142 -16.55 -16.17 28.39
N PHE A 143 -16.96 -16.81 27.30
CA PHE A 143 -17.28 -18.23 27.26
C PHE A 143 -16.32 -18.98 26.35
N ASP A 144 -15.07 -18.54 26.32
CA ASP A 144 -14.04 -19.10 25.46
C ASP A 144 -12.91 -19.68 26.29
N ASP A 145 -11.84 -20.10 25.61
CA ASP A 145 -10.68 -20.68 26.25
C ASP A 145 -9.38 -20.11 25.67
N VAL A 146 -9.40 -18.83 25.27
CA VAL A 146 -8.22 -18.22 24.69
C VAL A 146 -7.10 -18.12 25.73
N ILE A 147 -7.42 -17.58 26.90
CA ILE A 147 -6.41 -17.36 27.93
C ILE A 147 -5.89 -18.70 28.47
N GLU A 148 -6.78 -19.68 28.63
CA GLU A 148 -6.35 -20.99 29.11
C GLU A 148 -5.40 -21.65 28.14
N THR A 149 -5.71 -21.59 26.85
CA THR A 149 -4.81 -22.14 25.83
C THR A 149 -3.49 -21.39 25.81
N ALA A 150 -3.54 -20.06 25.95
CA ALA A 150 -2.31 -19.28 25.98
C ALA A 150 -1.43 -19.69 27.16
N PHE A 151 -2.03 -19.86 28.33
CA PHE A 151 -1.26 -20.27 29.51
C PHE A 151 -0.69 -21.68 29.33
N SER A 152 -1.48 -22.58 28.75
CA SER A 152 -0.99 -23.94 28.52
C SER A 152 0.18 -23.95 27.55
N ASP A 153 0.12 -23.14 26.49
CA ASP A 153 1.21 -23.11 25.51
C ASP A 153 2.44 -22.44 26.09
N ILE A 154 2.26 -21.30 26.76
CA ILE A 154 3.41 -20.54 27.25
C ILE A 154 4.10 -21.27 28.40
N SER A 155 3.31 -21.80 29.35
CA SER A 155 3.86 -22.41 30.55
C SER A 155 4.06 -23.91 30.42
N GLY A 156 3.05 -24.62 29.91
CA GLY A 156 3.05 -26.06 29.90
C GLY A 156 2.19 -26.71 30.97
N LYS A 157 1.78 -25.95 31.98
CA LYS A 157 0.89 -26.42 33.02
C LYS A 157 -0.55 -26.00 32.70
N HIS A 158 -1.45 -26.21 33.65
CA HIS A 158 -2.86 -25.91 33.48
C HIS A 158 -3.28 -24.77 34.40
N LEU A 159 -4.14 -23.90 33.89
CA LEU A 159 -4.63 -22.77 34.66
C LEU A 159 -5.67 -23.22 35.68
N SER A 160 -5.80 -22.43 36.74
CA SER A 160 -6.78 -22.70 37.80
C SER A 160 -8.01 -21.84 37.53
N VAL A 161 -9.13 -22.51 37.21
CA VAL A 161 -10.38 -21.84 36.89
C VAL A 161 -11.33 -21.99 38.06
N TYR A 162 -12.02 -20.89 38.41
CA TYR A 162 -12.94 -20.89 39.53
C TYR A 162 -14.33 -20.41 39.11
N HIS A 163 -14.84 -20.96 38.02
CA HIS A 163 -16.19 -20.61 37.55
C HIS A 163 -17.22 -21.31 38.42
N LEU A 164 -18.47 -21.30 37.96
CA LEU A 164 -19.64 -21.73 38.74
C LEU A 164 -19.42 -23.01 39.52
N GLU A 165 -18.68 -23.97 38.97
CA GLU A 165 -18.30 -25.16 39.73
C GLU A 165 -16.98 -24.88 40.44
N GLY A 166 -16.97 -25.08 41.75
CA GLY A 166 -15.82 -24.68 42.55
C GLY A 166 -15.77 -23.20 42.82
N SER A 167 -16.93 -22.53 42.84
CA SER A 167 -16.97 -21.08 43.04
C SER A 167 -16.53 -20.71 44.46
N TYR A 168 -16.93 -21.49 45.46
CA TYR A 168 -16.56 -21.19 46.84
C TYR A 168 -15.06 -21.26 47.06
N ALA A 169 -14.34 -21.96 46.18
CA ALA A 169 -12.89 -22.07 46.30
C ALA A 169 -12.17 -20.78 45.94
N ALA A 170 -12.81 -19.86 45.23
CA ALA A 170 -12.14 -18.63 44.80
C ALA A 170 -11.74 -17.79 46.00
N LEU A 171 -12.67 -17.56 46.93
CA LEU A 171 -12.37 -16.75 48.10
C LEU A 171 -11.33 -17.44 48.99
N SER A 172 -11.43 -18.76 49.14
CA SER A 172 -10.44 -19.49 49.93
C SER A 172 -9.05 -19.39 49.33
N ALA A 173 -8.93 -19.52 48.00
CA ALA A 173 -7.64 -19.39 47.34
C ALA A 173 -7.11 -17.96 47.46
N LEU A 174 -7.99 -16.97 47.35
CA LEU A 174 -7.55 -15.58 47.52
C LEU A 174 -7.02 -15.35 48.93
N ASN A 175 -7.72 -15.86 49.94
CA ASN A 175 -7.26 -15.69 51.32
C ASN A 175 -5.95 -16.43 51.56
N THR A 176 -5.81 -17.64 51.02
CA THR A 176 -4.58 -18.40 51.16
C THR A 176 -3.50 -17.94 50.19
N GLU A 177 -3.80 -16.96 49.34
CA GLU A 177 -2.84 -16.37 48.41
C GLU A 177 -2.30 -17.42 47.42
N ALA A 178 -3.22 -18.11 46.75
CA ALA A 178 -2.90 -18.86 45.55
C ALA A 178 -2.98 -17.87 44.38
N PHE A 179 -1.82 -17.50 43.83
CA PHE A 179 -1.77 -16.32 42.99
C PHE A 179 -2.52 -16.50 41.67
N PRO A 180 -2.15 -17.46 40.79
CA PRO A 180 -2.81 -17.52 39.48
C PRO A 180 -4.24 -18.03 39.58
N ILE A 181 -5.22 -17.14 39.46
CA ILE A 181 -6.63 -17.51 39.44
C ILE A 181 -7.29 -16.80 38.26
N TYR A 182 -8.22 -17.48 37.61
CA TYR A 182 -8.90 -16.97 36.41
C TYR A 182 -10.39 -17.24 36.59
N ALA A 183 -11.10 -16.29 37.18
CA ALA A 183 -12.51 -16.46 37.55
C ALA A 183 -13.40 -15.85 36.48
N LYS A 184 -14.42 -16.59 36.07
CA LYS A 184 -15.37 -16.13 35.07
C LYS A 184 -16.71 -15.79 35.71
N ILE A 185 -17.40 -14.83 35.12
CA ILE A 185 -18.68 -14.34 35.62
C ILE A 185 -19.69 -14.38 34.48
N HIS A 186 -20.87 -14.92 34.76
CA HIS A 186 -21.89 -15.10 33.72
C HIS A 186 -22.57 -13.77 33.39
N GLY A 187 -23.58 -13.85 32.52
CA GLY A 187 -24.21 -12.67 31.97
C GLY A 187 -25.44 -12.18 32.69
N ASP A 188 -26.50 -11.85 31.95
CA ASP A 188 -27.69 -11.19 32.47
C ASP A 188 -28.91 -12.09 32.31
N PHE A 189 -29.10 -12.97 33.29
CA PHE A 189 -30.37 -13.66 33.50
C PHE A 189 -30.83 -14.52 32.31
N ARG A 190 -30.01 -14.59 31.27
CA ARG A 190 -30.35 -15.36 30.07
C ARG A 190 -29.44 -16.56 29.87
N TYR A 191 -28.17 -16.46 30.27
CA TYR A 191 -27.30 -17.62 30.26
C TYR A 191 -27.70 -18.63 31.34
N GLN A 192 -28.41 -18.16 32.38
CA GLN A 192 -28.88 -19.07 33.41
C GLN A 192 -29.88 -20.08 32.84
N LYS A 193 -30.82 -19.61 32.02
CA LYS A 193 -31.79 -20.50 31.41
C LYS A 193 -31.22 -21.24 30.21
N ILE A 194 -30.10 -20.76 29.65
CA ILE A 194 -29.45 -21.48 28.56
C ILE A 194 -28.91 -22.82 29.05
N LYS A 195 -28.24 -22.83 30.21
CA LYS A 195 -27.67 -24.03 30.78
C LYS A 195 -28.55 -24.63 31.88
N ASN A 196 -29.76 -24.11 32.06
CA ASN A 196 -30.69 -24.59 33.07
C ASN A 196 -30.08 -24.53 34.47
N LEU A 197 -29.67 -23.32 34.85
CA LEU A 197 -28.95 -23.14 36.11
C LEU A 197 -29.91 -23.15 37.29
N THR A 198 -29.61 -23.99 38.28
CA THR A 198 -30.37 -24.05 39.51
C THR A 198 -30.06 -22.83 40.39
N PRO A 199 -30.91 -22.54 41.38
CA PRO A 199 -30.60 -21.43 42.29
C PRO A 199 -29.29 -21.60 43.04
N ASP A 200 -28.81 -22.84 43.21
CA ASP A 200 -27.49 -23.03 43.80
C ASP A 200 -26.40 -22.39 42.93
N LEU A 201 -26.57 -22.44 41.61
CA LEU A 201 -25.61 -21.77 40.73
C LEU A 201 -25.75 -20.26 40.79
N GLN A 202 -26.95 -19.75 41.07
CA GLN A 202 -27.10 -18.32 41.36
C GLN A 202 -26.35 -17.94 42.63
N THR A 203 -26.42 -18.80 43.65
CA THR A 203 -25.63 -18.57 44.85
C THR A 203 -24.14 -18.64 44.55
N ASN A 204 -23.74 -19.53 43.63
CA ASN A 204 -22.35 -19.58 43.19
C ASN A 204 -21.92 -18.27 42.54
N ASP A 205 -22.79 -17.69 41.70
CA ASP A 205 -22.45 -16.43 40.99
C ASP A 205 -22.16 -15.31 42.01
N ARG A 206 -23.03 -15.16 43.00
CA ARG A 206 -22.79 -14.14 44.05
C ARG A 206 -21.56 -14.56 44.86
N GLU A 207 -21.16 -15.84 44.79
CA GLU A 207 -19.91 -16.27 45.49
C GLU A 207 -18.73 -15.58 44.82
N ILE A 208 -18.65 -15.66 43.49
CA ILE A 208 -17.57 -14.96 42.74
C ILE A 208 -17.79 -13.45 42.91
N HIS A 209 -19.03 -13.02 43.16
CA HIS A 209 -19.26 -11.57 43.43
C HIS A 209 -18.56 -11.15 44.73
N LYS A 210 -18.72 -11.94 45.80
CA LYS A 210 -18.02 -11.64 47.07
C LYS A 210 -16.51 -11.75 46.81
N CYS A 211 -16.12 -12.69 45.94
CA CYS A 211 -14.68 -12.83 45.60
C CYS A 211 -14.18 -11.49 45.06
N PHE A 212 -14.88 -10.94 44.06
CA PHE A 212 -14.50 -9.63 43.45
C PHE A 212 -14.43 -8.57 44.54
N LEU A 213 -15.46 -8.51 45.39
CA LEU A 213 -15.47 -7.44 46.42
C LEU A 213 -14.18 -7.54 47.23
N ALA A 214 -13.88 -8.72 47.76
CA ALA A 214 -12.70 -8.88 48.64
C ALA A 214 -11.39 -8.60 47.87
N ALA A 215 -11.31 -8.97 46.60
CA ALA A 215 -10.11 -8.71 45.78
C ALA A 215 -9.91 -7.20 45.64
N ALA A 216 -10.98 -6.47 45.30
CA ALA A 216 -10.88 -5.00 45.19
C ALA A 216 -10.45 -4.44 46.55
N ILE A 217 -10.90 -5.07 47.63
CA ILE A 217 -10.42 -4.62 48.97
C ILE A 217 -8.89 -4.57 48.95
N ARG A 218 -8.22 -5.29 48.04
CA ARG A 218 -6.73 -5.29 48.11
C ARG A 218 -6.00 -5.00 46.79
N PHE A 219 -6.69 -4.69 45.68
CA PHE A 219 -6.06 -4.56 44.38
C PHE A 219 -6.57 -3.34 43.63
N GLY A 220 -6.11 -3.21 42.39
CA GLY A 220 -6.57 -2.17 41.48
C GLY A 220 -7.12 -2.80 40.21
N LEU A 221 -8.08 -2.13 39.60
CA LEU A 221 -8.80 -2.69 38.46
C LEU A 221 -8.41 -1.95 37.18
N VAL A 222 -8.07 -2.73 36.15
CA VAL A 222 -7.59 -2.21 34.87
C VAL A 222 -8.50 -2.70 33.76
N VAL A 223 -9.80 -2.81 34.05
CA VAL A 223 -10.79 -3.39 33.14
C VAL A 223 -10.61 -2.90 31.71
N SER A 224 -10.54 -3.83 30.77
CA SER A 224 -10.31 -3.53 29.36
C SER A 224 -11.13 -4.47 28.49
N GLY A 225 -11.57 -3.95 27.34
CA GLY A 225 -12.38 -4.74 26.44
C GLY A 225 -13.80 -4.98 26.89
N TYR A 226 -14.38 -4.06 27.66
CA TYR A 226 -15.72 -4.19 28.18
C TYR A 226 -16.54 -2.98 27.80
N SER A 227 -17.85 -3.20 27.58
CA SER A 227 -18.72 -2.15 27.06
C SER A 227 -19.83 -1.75 28.02
N GLY A 228 -20.02 -2.47 29.12
CA GLY A 228 -21.10 -2.17 30.05
C GLY A 228 -22.45 -2.69 29.65
N ARG A 229 -22.50 -3.70 28.77
CA ARG A 229 -23.79 -4.22 28.31
C ARG A 229 -24.58 -4.83 29.46
N ASP A 230 -23.92 -5.59 30.32
CA ASP A 230 -24.60 -6.21 31.44
C ASP A 230 -24.83 -5.19 32.56
N GLU A 231 -25.90 -5.39 33.31
CA GLU A 231 -26.18 -4.57 34.47
C GLU A 231 -25.87 -5.25 35.79
N ASN A 232 -25.80 -6.58 35.82
CA ASN A 232 -25.32 -7.27 37.01
C ASN A 232 -23.86 -6.94 37.28
N VAL A 233 -23.04 -6.94 36.23
CA VAL A 233 -21.63 -6.60 36.39
C VAL A 233 -21.48 -5.14 36.84
N MET A 234 -22.27 -4.24 36.25
CA MET A 234 -22.20 -2.84 36.65
C MET A 234 -22.65 -2.66 38.10
N THR A 235 -23.68 -3.39 38.52
CA THR A 235 -24.14 -3.31 39.90
C THR A 235 -23.07 -3.84 40.86
N MET A 236 -22.41 -4.93 40.48
CA MET A 236 -21.32 -5.45 41.32
C MET A 236 -20.17 -4.45 41.41
N LEU A 237 -19.85 -3.81 40.29
CA LEU A 237 -18.80 -2.79 40.31
C LEU A 237 -19.19 -1.61 41.19
N ARG A 238 -20.46 -1.19 41.13
CA ARG A 238 -20.92 -0.11 41.99
C ARG A 238 -20.85 -0.50 43.46
N ALA A 239 -21.23 -1.74 43.79
CA ALA A 239 -21.12 -2.22 45.16
C ALA A 239 -19.67 -2.24 45.62
N ALA A 240 -18.76 -2.67 44.75
CA ALA A 240 -17.34 -2.65 45.08
C ALA A 240 -16.85 -1.23 45.33
N ILE A 241 -17.32 -0.28 44.52
CA ILE A 241 -16.98 1.12 44.74
C ILE A 241 -17.49 1.58 46.11
N ASP A 242 -18.70 1.16 46.47
CA ASP A 242 -19.28 1.57 47.75
C ASP A 242 -18.48 1.09 48.95
N GLN A 243 -17.65 0.08 48.78
CA GLN A 243 -16.79 -0.38 49.87
C GLN A 243 -15.75 0.68 50.21
N ASN A 244 -15.45 0.82 51.50
CA ASN A 244 -14.47 1.79 51.94
C ASN A 244 -13.07 1.37 51.48
N ASN A 245 -12.28 2.37 51.08
CA ASN A 245 -10.93 2.14 50.56
C ASN A 245 -10.94 1.17 49.38
N ALA A 246 -11.87 1.41 48.45
CA ALA A 246 -11.99 0.56 47.28
C ALA A 246 -10.97 0.96 46.21
N PHE A 247 -10.24 -0.03 45.70
CA PHE A 247 -9.22 0.17 44.67
C PHE A 247 -8.24 1.25 45.11
N PRO A 248 -7.36 0.96 46.08
CA PRO A 248 -6.44 2.00 46.56
C PRO A 248 -5.53 2.56 45.50
N HIS A 249 -5.10 1.75 44.53
CA HIS A 249 -4.18 2.19 43.49
C HIS A 249 -4.89 2.71 42.25
N GLY A 250 -6.21 2.75 42.24
CA GLY A 250 -6.94 3.38 41.17
C GLY A 250 -7.67 2.37 40.29
N LEU A 251 -8.67 2.89 39.58
CA LEU A 251 -9.46 2.11 38.63
C LEU A 251 -9.29 2.71 37.25
N TYR A 252 -8.82 1.90 36.30
CA TYR A 252 -8.57 2.36 34.94
C TYR A 252 -9.49 1.64 33.97
N TRP A 253 -10.07 2.40 33.05
CA TRP A 253 -10.98 1.88 32.03
C TRP A 253 -10.39 2.24 30.66
N THR A 254 -9.76 1.27 30.01
CA THR A 254 -9.10 1.52 28.74
C THR A 254 -10.08 1.27 27.59
N VAL A 255 -10.16 2.24 26.67
CA VAL A 255 -11.02 2.11 25.50
C VAL A 255 -10.21 2.42 24.26
N PRO A 256 -10.52 1.79 23.12
CA PRO A 256 -9.79 2.12 21.88
C PRO A 256 -9.96 3.55 21.44
N SER A 257 -11.09 4.19 21.75
CA SER A 257 -11.33 5.56 21.33
C SER A 257 -12.31 6.22 22.29
N ILE A 258 -11.92 7.37 22.82
CA ILE A 258 -12.78 8.09 23.75
C ILE A 258 -13.99 8.66 23.02
N SER A 259 -13.81 9.14 21.79
CA SER A 259 -14.92 9.70 21.03
C SER A 259 -15.97 8.66 20.67
N LYS A 260 -15.66 7.37 20.81
CA LYS A 260 -16.63 6.31 20.53
C LYS A 260 -16.92 5.54 21.81
N SER A 261 -16.96 6.22 22.94
CA SER A 261 -17.19 5.59 24.23
C SER A 261 -18.68 5.36 24.46
N GLU A 262 -19.01 4.78 25.61
CA GLU A 262 -20.39 4.48 25.95
C GLU A 262 -20.86 5.37 27.09
N PRO A 263 -22.12 5.83 27.08
CA PRO A 263 -22.60 6.66 28.19
C PRO A 263 -22.54 5.97 29.54
N ALA A 264 -22.77 4.66 29.59
CA ALA A 264 -22.80 3.94 30.87
C ALA A 264 -21.44 3.97 31.55
N VAL A 265 -20.37 3.78 30.78
CA VAL A 265 -19.03 3.81 31.36
C VAL A 265 -18.70 5.22 31.87
N GLN A 266 -19.16 6.24 31.16
CA GLN A 266 -18.97 7.61 31.64
C GLN A 266 -19.70 7.84 32.95
N ASP A 267 -20.93 7.33 33.05
CA ASP A 267 -21.67 7.46 34.31
C ASP A 267 -20.95 6.74 35.45
N LEU A 268 -20.44 5.54 35.18
CA LEU A 268 -19.73 4.78 36.20
C LEU A 268 -18.46 5.51 36.64
N ILE A 269 -17.71 6.07 35.69
CA ILE A 269 -16.50 6.78 36.03
C ILE A 269 -16.81 8.03 36.84
N THR A 270 -17.87 8.75 36.47
CA THR A 270 -18.27 9.93 37.25
C THR A 270 -18.67 9.54 38.66
N TYR A 271 -19.41 8.45 38.82
CA TYR A 271 -19.78 8.00 40.16
C TYR A 271 -18.54 7.63 40.97
N ALA A 272 -17.61 6.90 40.35
CA ALA A 272 -16.40 6.48 41.06
C ALA A 272 -15.58 7.69 41.49
N GLN A 273 -15.46 8.70 40.63
CA GLN A 273 -14.76 9.92 41.00
C GLN A 273 -15.50 10.65 42.13
N GLY A 274 -16.83 10.68 42.07
CA GLY A 274 -17.59 11.35 43.11
C GLY A 274 -17.42 10.71 44.47
N LYS A 275 -17.38 9.36 44.51
CA LYS A 275 -17.18 8.69 45.79
C LYS A 275 -15.78 8.88 46.33
N GLY A 276 -14.84 9.32 45.50
CA GLY A 276 -13.48 9.55 45.94
C GLY A 276 -12.53 8.41 45.60
N VAL A 277 -12.61 7.91 44.37
CA VAL A 277 -11.77 6.83 43.89
C VAL A 277 -10.98 7.34 42.69
N ARG A 278 -9.70 6.93 42.61
CA ARG A 278 -8.85 7.38 41.53
C ARG A 278 -9.22 6.68 40.23
N ALA A 279 -10.32 7.09 39.62
CA ALA A 279 -10.84 6.48 38.40
C ALA A 279 -10.54 7.38 37.21
N TYR A 280 -9.99 6.78 36.15
CA TYR A 280 -9.68 7.50 34.93
C TYR A 280 -10.15 6.69 33.72
N LEU A 281 -10.53 7.40 32.67
CA LEU A 281 -10.97 6.80 31.41
C LEU A 281 -9.84 7.03 30.39
N VAL A 282 -8.90 6.09 30.36
CA VAL A 282 -7.71 6.22 29.52
C VAL A 282 -7.98 5.60 28.16
N GLU A 283 -7.25 6.07 27.15
CA GLU A 283 -7.34 5.57 25.78
C GLU A 283 -5.97 5.01 25.40
N THR A 284 -5.90 3.69 25.22
CA THR A 284 -4.64 3.01 24.92
C THR A 284 -4.71 2.24 23.61
N GLY A 285 -5.59 2.61 22.70
CA GLY A 285 -5.71 1.90 21.45
C GLY A 285 -6.28 0.50 21.62
N THR A 286 -5.86 -0.43 20.76
CA THR A 286 -6.37 -1.78 20.80
C THR A 286 -5.80 -2.55 21.99
N PHE A 287 -6.22 -3.81 22.14
CA PHE A 287 -5.74 -4.64 23.23
C PHE A 287 -4.31 -5.10 22.98
N ASP A 288 -4.00 -5.50 21.74
CA ASP A 288 -2.66 -5.96 21.41
C ASP A 288 -1.63 -4.86 21.61
N GLU A 289 -1.95 -3.63 21.20
CA GLU A 289 -1.05 -2.52 21.40
C GLU A 289 -0.72 -2.33 22.89
N MET A 290 -1.75 -2.30 23.73
CA MET A 290 -1.54 -2.10 25.15
C MET A 290 -0.71 -3.23 25.75
N LEU A 291 -1.02 -4.48 25.41
CA LEU A 291 -0.30 -5.59 26.01
C LEU A 291 1.14 -5.65 25.52
N SER A 292 1.40 -5.28 24.27
CA SER A 292 2.77 -5.28 23.78
C SER A 292 3.58 -4.15 24.40
N LYS A 293 3.00 -2.96 24.51
CA LYS A 293 3.71 -1.85 25.15
C LYS A 293 3.95 -2.16 26.62
N ILE A 294 3.07 -2.93 27.26
CA ILE A 294 3.32 -3.38 28.62
C ILE A 294 4.45 -4.39 28.66
N TRP A 295 4.44 -5.36 27.73
CA TRP A 295 5.46 -6.40 27.72
C TRP A 295 6.85 -5.84 27.42
N ARG A 296 6.92 -4.68 26.77
CA ARG A 296 8.22 -4.10 26.45
C ARG A 296 9.02 -3.82 27.72
N GLN A 297 8.39 -3.24 28.74
CA GLN A 297 9.07 -2.78 29.93
C GLN A 297 9.03 -3.78 31.07
N VAL A 298 8.53 -5.00 30.83
CA VAL A 298 8.51 -6.02 31.87
C VAL A 298 9.96 -6.44 32.16
N LYS A 299 10.34 -6.40 33.43
CA LYS A 299 11.70 -6.67 33.85
C LYS A 299 11.86 -8.12 34.28
N ASP A 300 13.11 -8.55 34.37
CA ASP A 300 13.47 -9.91 34.80
C ASP A 300 12.78 -10.96 33.92
N LYS A 301 12.85 -10.77 32.61
CA LYS A 301 12.22 -11.68 31.68
C LYS A 301 13.05 -12.95 31.55
N PRO A 302 12.50 -14.13 31.83
CA PRO A 302 13.22 -15.36 31.52
C PRO A 302 13.43 -15.52 30.03
N ALA A 303 14.52 -16.18 29.66
CA ALA A 303 14.85 -16.33 28.24
C ALA A 303 13.81 -17.19 27.52
N ALA A 304 13.38 -18.28 28.15
CA ALA A 304 12.42 -19.17 27.51
C ALA A 304 11.07 -18.47 27.30
N ILE A 305 10.61 -17.73 28.32
CA ILE A 305 9.34 -17.02 28.20
C ILE A 305 9.41 -15.98 27.09
N ASP A 306 10.50 -15.21 27.05
CA ASP A 306 10.65 -14.19 26.01
C ASP A 306 10.69 -14.84 24.62
N ALA A 307 11.39 -15.96 24.48
CA ALA A 307 11.45 -16.65 23.20
C ALA A 307 10.08 -17.17 22.79
N LYS A 308 9.27 -17.61 23.76
CA LYS A 308 7.96 -18.16 23.44
C LYS A 308 6.91 -17.09 23.18
N VAL A 309 7.10 -15.88 23.69
CA VAL A 309 6.07 -14.86 23.56
C VAL A 309 6.07 -14.27 22.16
N ARG A 310 7.17 -13.63 21.76
CA ARG A 310 7.23 -12.96 20.47
C ARG A 310 7.56 -13.96 19.37
N THR A 311 7.23 -13.60 18.14
CA THR A 311 7.48 -14.47 17.00
C THR A 311 8.97 -14.64 16.77
N ALA A 312 9.37 -15.86 16.44
CA ALA A 312 10.78 -16.15 16.19
C ALA A 312 11.25 -15.44 14.92
N ARG A 313 12.56 -15.51 14.67
CA ARG A 313 13.12 -14.87 13.49
C ARG A 313 12.54 -15.49 12.23
N VAL A 314 12.06 -14.65 11.33
CA VAL A 314 11.48 -15.08 10.08
C VAL A 314 12.59 -15.45 9.12
N CYS A 315 12.72 -16.75 8.83
CA CYS A 315 13.74 -17.20 7.90
C CYS A 315 13.43 -16.70 6.50
N PRO A 316 14.46 -16.53 5.65
CA PRO A 316 14.20 -16.11 4.28
C PRO A 316 13.51 -17.20 3.47
N VAL A 317 12.29 -17.56 3.87
CA VAL A 317 11.54 -18.61 3.20
C VAL A 317 11.04 -18.15 1.84
N SER A 318 11.26 -16.88 1.49
CA SER A 318 10.82 -16.36 0.21
C SER A 318 11.69 -16.90 -0.92
N ILE A 319 11.58 -18.19 -1.20
CA ILE A 319 12.40 -18.85 -2.22
C ILE A 319 11.51 -19.61 -3.21
N PRO A 320 10.78 -18.93 -4.09
CA PRO A 320 10.20 -19.63 -5.24
C PRO A 320 11.29 -20.07 -6.20
N LEU A 321 11.06 -21.18 -6.89
CA LEU A 321 12.06 -21.76 -7.79
C LEU A 321 11.47 -21.95 -9.17
N PRO A 322 11.99 -21.27 -10.20
CA PRO A 322 11.46 -21.45 -11.56
C PRO A 322 12.19 -22.52 -12.35
N GLY A 323 11.70 -22.81 -13.55
CA GLY A 323 12.33 -23.78 -14.43
C GLY A 323 12.25 -23.38 -15.88
N PRO A 324 13.04 -24.02 -16.74
CA PRO A 324 12.99 -23.70 -18.17
C PRO A 324 11.66 -24.08 -18.78
N GLY A 325 11.28 -23.32 -19.82
CA GLY A 325 10.01 -23.50 -20.49
C GLY A 325 10.16 -23.89 -21.94
N LYS A 326 9.03 -24.28 -22.54
CA LYS A 326 9.02 -24.76 -23.92
C LYS A 326 7.71 -24.31 -24.56
N SER A 327 7.76 -23.18 -25.28
CA SER A 327 6.67 -22.70 -26.10
C SER A 327 7.22 -21.63 -27.03
N PHE A 328 6.50 -21.37 -28.11
CA PHE A 328 7.08 -20.56 -29.17
C PHE A 328 7.05 -19.05 -28.92
N PRO A 329 5.91 -18.44 -28.51
CA PRO A 329 5.92 -16.98 -28.33
C PRO A 329 6.89 -16.56 -27.22
N ALA A 330 7.97 -15.88 -27.61
CA ALA A 330 9.09 -15.62 -26.72
C ALA A 330 9.15 -14.16 -26.32
N LEU A 331 10.10 -13.87 -25.44
CA LEU A 331 10.34 -12.53 -24.91
C LEU A 331 11.83 -12.27 -24.94
N ARG A 332 12.24 -11.18 -25.57
CA ARG A 332 13.66 -10.81 -25.64
C ARG A 332 13.90 -9.60 -24.76
N THR A 333 14.88 -9.71 -23.87
CA THR A 333 15.23 -8.63 -22.95
C THR A 333 16.27 -7.73 -23.60
N ASN A 334 16.90 -6.87 -22.80
CA ASN A 334 17.99 -6.02 -23.26
C ASN A 334 19.27 -6.22 -22.44
N ALA A 335 19.41 -7.36 -21.79
CA ALA A 335 20.51 -7.61 -20.87
C ALA A 335 21.45 -8.66 -21.45
N LEU A 336 22.76 -8.36 -21.42
CA LEU A 336 23.80 -9.29 -21.83
C LEU A 336 24.49 -9.86 -20.60
N PRO A 337 24.51 -11.19 -20.43
CA PRO A 337 25.16 -11.77 -19.26
C PRO A 337 26.66 -11.54 -19.28
N VAL A 338 27.24 -11.40 -18.09
CA VAL A 338 28.67 -11.25 -17.91
C VAL A 338 29.14 -12.38 -17.00
N VAL A 339 30.12 -13.16 -17.46
CA VAL A 339 30.65 -14.27 -16.69
C VAL A 339 32.16 -14.04 -16.55
N THR A 340 32.54 -13.33 -15.48
CA THR A 340 33.93 -13.27 -15.05
C THR A 340 33.90 -12.85 -13.58
N GLN A 341 34.01 -13.82 -12.68
CA GLN A 341 34.06 -13.53 -11.25
C GLN A 341 35.49 -13.48 -10.74
N SER A 342 36.35 -12.73 -11.42
CA SER A 342 37.73 -12.53 -10.98
C SER A 342 38.39 -11.40 -11.77
N ILE A 343 38.91 -10.39 -11.08
CA ILE A 343 39.69 -9.33 -11.70
C ILE A 343 40.97 -9.13 -10.91
N ARG A 344 41.98 -8.61 -11.58
CA ARG A 344 43.24 -8.24 -10.96
C ARG A 344 43.37 -6.72 -10.97
N CYS A 345 43.59 -6.14 -9.79
CA CYS A 345 43.69 -4.70 -9.64
C CYS A 345 44.97 -4.35 -8.91
N GLY A 346 45.48 -3.14 -9.19
CA GLY A 346 46.65 -2.63 -8.51
C GLY A 346 46.26 -1.72 -7.35
N VAL A 347 47.14 -1.66 -6.34
CA VAL A 347 46.90 -0.88 -5.14
C VAL A 347 48.11 -0.01 -4.86
N VAL A 348 47.89 1.02 -4.05
CA VAL A 348 48.96 1.88 -3.55
C VAL A 348 48.50 2.49 -2.24
N THR A 349 49.43 2.59 -1.29
CA THR A 349 49.14 3.09 0.04
C THR A 349 49.72 4.49 0.20
N LEU A 350 48.90 5.41 0.70
CA LEU A 350 49.30 6.80 0.87
C LEU A 350 49.62 7.05 2.34
N ALA A 351 50.76 7.71 2.60
CA ALA A 351 51.11 8.07 3.96
C ALA A 351 50.13 9.07 4.55
N SER A 352 49.67 10.02 3.74
CA SER A 352 48.71 11.02 4.15
C SER A 352 47.35 10.70 3.51
N PRO A 353 46.31 10.47 4.31
CA PRO A 353 45.00 10.14 3.74
C PRO A 353 44.45 11.27 2.89
N ILE A 354 43.70 10.89 1.86
CA ILE A 354 43.11 11.83 0.92
C ILE A 354 41.62 11.51 0.80
N THR A 355 40.85 12.54 0.46
CA THR A 355 39.41 12.41 0.33
C THR A 355 39.02 12.19 -1.13
N PHE A 356 37.76 11.76 -1.32
CA PHE A 356 37.27 11.48 -2.66
C PHE A 356 37.23 12.73 -3.52
N SER A 357 36.81 13.86 -2.95
CA SER A 357 36.72 15.10 -3.71
C SER A 357 38.09 15.55 -4.18
N GLU A 358 39.10 15.45 -3.31
CA GLU A 358 40.45 15.85 -3.69
C GLU A 358 40.99 14.98 -4.81
N LEU A 359 40.77 13.66 -4.72
CA LEU A 359 41.21 12.77 -5.79
C LEU A 359 40.50 13.10 -7.10
N LYS A 360 39.20 13.37 -7.04
CA LYS A 360 38.45 13.68 -8.25
C LYS A 360 38.95 14.97 -8.89
N GLU A 361 39.19 16.00 -8.09
CA GLU A 361 39.65 17.27 -8.65
C GLU A 361 41.07 17.16 -9.18
N ARG A 362 41.92 16.37 -8.51
CA ARG A 362 43.27 16.14 -9.01
C ARG A 362 43.23 15.40 -10.35
N ILE A 363 42.34 14.41 -10.48
CA ILE A 363 42.18 13.72 -11.75
C ILE A 363 41.69 14.68 -12.83
N SER A 364 40.71 15.53 -12.48
CA SER A 364 40.19 16.50 -13.44
C SER A 364 41.25 17.49 -13.90
N GLN A 365 42.17 17.89 -13.02
CA GLN A 365 43.24 18.78 -13.38
C GLN A 365 44.40 18.09 -14.07
N LYS A 366 44.69 16.84 -13.71
CA LYS A 366 45.89 16.13 -14.13
C LYS A 366 45.51 14.79 -14.77
N SER A 367 44.56 14.85 -15.71
CA SER A 367 43.92 13.71 -16.35
C SER A 367 44.90 12.64 -16.81
N PRO A 368 44.92 11.48 -16.16
CA PRO A 368 45.73 10.36 -16.65
C PRO A 368 44.95 9.44 -17.57
N LYS A 369 45.58 8.35 -18.00
CA LYS A 369 44.91 7.28 -18.73
C LYS A 369 44.66 6.09 -17.79
N ALA A 370 44.30 6.37 -16.55
CA ALA A 370 44.12 5.34 -15.54
C ALA A 370 42.82 5.58 -14.79
N LEU A 371 42.34 4.55 -14.12
CA LEU A 371 41.11 4.58 -13.36
C LEU A 371 41.43 4.45 -11.88
N LEU A 372 40.63 5.08 -11.02
CA LEU A 372 40.87 5.10 -9.59
C LEU A 372 39.58 4.85 -8.83
N THR A 373 39.73 4.43 -7.57
CA THR A 373 38.62 4.17 -6.67
C THR A 373 38.76 5.01 -5.41
N TYR A 374 37.62 5.23 -4.74
CA TYR A 374 37.62 6.06 -3.54
C TYR A 374 36.51 5.59 -2.59
N THR A 375 36.86 4.67 -1.69
CA THR A 375 36.06 4.43 -0.50
C THR A 375 36.86 4.72 0.76
N GLU A 376 37.95 3.99 0.99
CA GLU A 376 38.97 4.35 1.96
C GLU A 376 40.39 4.12 1.47
N LYS A 377 40.60 3.27 0.47
CA LYS A 377 41.90 2.92 -0.06
C LYS A 377 41.82 2.88 -1.59
N VAL A 378 42.80 3.48 -2.25
CA VAL A 378 42.75 3.66 -3.70
C VAL A 378 43.20 2.39 -4.40
N LEU A 379 42.38 1.91 -5.33
CA LEU A 379 42.72 0.81 -6.22
C LEU A 379 42.66 1.29 -7.66
N PHE A 380 43.67 0.95 -8.44
CA PHE A 380 43.82 1.51 -9.78
C PHE A 380 44.00 0.40 -10.80
N LEU A 381 43.67 0.73 -12.05
CA LEU A 381 43.79 -0.19 -13.19
C LEU A 381 44.54 0.50 -14.32
N GLY A 382 45.66 1.14 -13.99
CA GLY A 382 46.42 1.88 -14.98
C GLY A 382 47.81 1.34 -15.25
N GLY A 383 48.78 2.24 -15.41
CA GLY A 383 50.13 1.86 -15.72
C GLY A 383 51.10 2.37 -14.67
N GLU A 384 52.24 1.68 -14.56
CA GLU A 384 53.22 2.05 -13.54
C GLU A 384 53.81 3.44 -13.71
N PRO A 385 54.22 3.89 -14.89
CA PRO A 385 54.67 5.30 -15.00
C PRO A 385 53.59 6.29 -14.59
N GLU A 386 52.34 5.98 -14.92
CA GLU A 386 51.24 6.90 -14.64
C GLU A 386 50.97 7.01 -13.14
N ILE A 387 51.01 5.89 -12.43
CA ILE A 387 50.72 5.94 -10.99
C ILE A 387 51.81 6.68 -10.24
N ARG A 388 53.07 6.53 -10.68
CA ARG A 388 54.14 7.37 -10.17
C ARG A 388 53.88 8.83 -10.51
N LYS A 389 53.32 9.07 -11.70
CA LYS A 389 53.18 10.43 -12.21
C LYS A 389 52.03 11.18 -11.53
N ILE A 390 51.04 10.46 -11.00
CA ILE A 390 49.85 11.12 -10.46
C ILE A 390 50.07 11.35 -8.96
N PHE A 391 50.05 12.63 -8.56
CA PHE A 391 50.25 13.24 -7.24
C PHE A 391 51.64 12.97 -6.66
N SER A 392 52.42 12.10 -7.33
CA SER A 392 53.81 11.80 -6.97
C SER A 392 53.95 11.70 -5.46
N ASN A 393 54.71 12.59 -4.80
CA ASN A 393 54.82 12.75 -3.36
C ASN A 393 55.63 11.64 -2.68
N ASP A 394 55.98 10.58 -3.41
CA ASP A 394 56.81 9.49 -2.91
C ASP A 394 56.31 8.96 -1.56
N GLU A 395 54.99 8.88 -1.41
CA GLU A 395 54.38 8.27 -0.23
C GLU A 395 54.01 6.82 -0.45
N ILE A 396 54.47 6.23 -1.56
CA ILE A 396 54.14 4.87 -1.95
C ILE A 396 54.91 3.88 -1.08
N ASN A 397 54.25 2.79 -0.71
CA ASN A 397 54.87 1.73 0.07
C ASN A 397 54.96 0.42 -0.68
N SER A 398 53.85 -0.09 -1.22
CA SER A 398 53.86 -1.37 -1.91
C SER A 398 52.87 -1.33 -3.06
N ILE A 399 53.15 -2.16 -4.08
CA ILE A 399 52.31 -2.27 -5.27
C ILE A 399 51.86 -3.72 -5.42
N GLY A 400 51.71 -4.42 -4.30
CA GLY A 400 51.26 -5.80 -4.30
C GLY A 400 49.82 -5.89 -4.76
N GLN A 401 49.59 -6.69 -5.79
CA GLN A 401 48.26 -6.79 -6.41
C GLN A 401 47.22 -7.31 -5.43
N TYR A 402 45.95 -6.95 -5.65
CA TYR A 402 44.85 -7.35 -4.78
C TYR A 402 43.84 -8.06 -5.68
N TYR A 403 43.77 -9.38 -5.59
CA TYR A 403 42.80 -10.15 -6.36
C TYR A 403 41.40 -9.91 -5.83
N ILE A 404 40.44 -9.80 -6.75
CA ILE A 404 39.04 -9.54 -6.41
C ILE A 404 38.26 -10.81 -6.74
N ASP A 405 37.72 -11.45 -5.71
CA ASP A 405 36.98 -12.70 -5.86
C ASP A 405 35.51 -12.47 -5.58
N GLU A 406 34.65 -13.11 -6.40
CA GLU A 406 33.19 -13.00 -6.29
C GLU A 406 32.76 -11.53 -6.30
N ILE A 407 33.01 -10.89 -7.45
CA ILE A 407 32.77 -9.46 -7.60
C ILE A 407 31.30 -9.10 -7.48
N ALA A 408 30.40 -10.08 -7.58
CA ALA A 408 28.98 -9.80 -7.57
C ALA A 408 28.53 -9.17 -6.25
N GLN A 409 28.88 -9.80 -5.13
CA GLN A 409 28.43 -9.29 -3.84
C GLN A 409 29.10 -7.97 -3.49
N SER A 410 30.38 -7.81 -3.87
CA SER A 410 31.06 -6.55 -3.61
C SER A 410 30.45 -5.42 -4.42
N VAL A 411 30.09 -5.68 -5.67
CA VAL A 411 29.40 -4.68 -6.48
C VAL A 411 28.03 -4.36 -5.88
N ALA A 412 27.33 -5.39 -5.41
CA ALA A 412 26.01 -5.17 -4.82
C ALA A 412 26.09 -4.31 -3.57
N ALA A 413 27.11 -4.53 -2.73
CA ALA A 413 27.21 -3.81 -1.48
C ALA A 413 27.62 -2.36 -1.70
N SER A 414 28.79 -2.13 -2.27
CA SER A 414 29.30 -0.78 -2.48
C SER A 414 28.63 -0.13 -3.68
N THR A 415 28.86 1.18 -3.82
CA THR A 415 28.37 1.96 -4.95
C THR A 415 29.49 2.50 -5.83
N PHE A 416 30.56 3.03 -5.22
CA PHE A 416 31.68 3.51 -6.00
C PHE A 416 32.37 2.38 -6.76
N LEU A 417 32.48 1.20 -6.12
CA LEU A 417 33.10 0.06 -6.78
C LEU A 417 32.29 -0.39 -8.00
N LYS A 418 30.96 -0.33 -7.91
CA LYS A 418 30.13 -0.66 -9.07
C LYS A 418 30.40 0.29 -10.22
N SER A 419 30.50 1.59 -9.93
CA SER A 419 30.83 2.56 -10.95
C SER A 419 32.22 2.32 -11.54
N PHE A 420 33.19 1.95 -10.70
CA PHE A 420 34.53 1.65 -11.19
C PHE A 420 34.51 0.45 -12.13
N VAL A 421 33.79 -0.60 -11.76
CA VAL A 421 33.70 -1.78 -12.62
C VAL A 421 33.01 -1.44 -13.93
N GLU A 422 31.94 -0.65 -13.87
CA GLU A 422 31.26 -0.21 -15.08
C GLU A 422 32.20 0.58 -15.99
N GLU A 423 32.99 1.48 -15.39
CA GLU A 423 33.94 2.26 -16.17
C GLU A 423 34.99 1.38 -16.82
N ALA A 424 35.51 0.39 -16.09
CA ALA A 424 36.50 -0.51 -16.65
C ALA A 424 35.90 -1.31 -17.82
N ILE A 425 34.67 -1.80 -17.64
CA ILE A 425 34.01 -2.59 -18.68
C ILE A 425 33.80 -1.73 -19.92
N LEU A 426 33.33 -0.50 -19.74
CA LEU A 426 33.09 0.38 -20.89
C LEU A 426 34.40 0.77 -21.57
N THR A 427 35.46 1.01 -20.80
CA THR A 427 36.75 1.33 -21.40
C THR A 427 37.27 0.18 -22.24
N ALA A 428 37.12 -1.05 -21.74
CA ALA A 428 37.48 -2.22 -22.54
C ALA A 428 36.60 -2.32 -23.78
N LEU A 429 35.32 -1.97 -23.64
CA LEU A 429 34.38 -2.11 -24.75
C LEU A 429 34.69 -1.16 -25.89
N LEU A 430 34.89 0.12 -25.57
CA LEU A 430 35.05 1.15 -26.59
C LEU A 430 36.46 1.27 -27.13
N ARG A 431 37.39 0.47 -26.63
CA ARG A 431 38.77 0.52 -27.12
C ARG A 431 38.84 0.05 -28.57
N GLU A 432 39.65 0.75 -29.37
CA GLU A 432 39.84 0.44 -30.79
C GLU A 432 38.51 0.51 -31.55
N LYS A 433 37.79 1.61 -31.37
CA LYS A 433 36.53 1.86 -32.05
C LYS A 433 36.34 3.36 -32.19
N PRO A 434 35.68 3.82 -33.27
CA PRO A 434 35.51 5.26 -33.46
C PRO A 434 34.36 5.87 -32.66
N ILE A 435 33.56 5.06 -31.95
CA ILE A 435 32.44 5.59 -31.19
C ILE A 435 32.96 6.45 -30.04
N LEU A 436 32.19 7.49 -29.70
CA LEU A 436 32.57 8.45 -28.68
C LEU A 436 32.33 7.86 -27.28
N HIS A 437 32.47 8.69 -26.27
CA HIS A 437 32.25 8.27 -24.88
C HIS A 437 31.82 9.49 -24.07
N ARG A 438 30.64 9.41 -23.45
CA ARG A 438 30.13 10.48 -22.61
C ARG A 438 29.64 9.91 -21.29
N VAL A 439 29.78 10.69 -20.22
CA VAL A 439 29.62 10.20 -18.86
C VAL A 439 28.54 10.99 -18.15
N ARG A 440 27.51 11.42 -18.89
CA ARG A 440 26.47 12.26 -18.29
C ARG A 440 25.74 11.53 -17.16
N HIS A 441 25.73 12.16 -15.98
CA HIS A 441 24.91 11.72 -14.85
C HIS A 441 25.19 10.27 -14.46
N ARG A 442 26.46 9.86 -14.57
CA ARG A 442 26.88 8.50 -14.23
C ARG A 442 26.04 7.44 -14.94
N THR A 443 25.74 7.69 -16.21
CA THR A 443 24.86 6.84 -17.02
C THR A 443 25.51 6.62 -18.39
N HIS A 444 26.79 6.19 -18.36
CA HIS A 444 27.68 6.18 -19.52
C HIS A 444 26.97 5.85 -20.81
N TYR A 445 27.17 6.69 -21.83
CA TYR A 445 26.59 6.53 -23.15
C TYR A 445 27.68 6.14 -24.14
N ALA A 446 27.28 6.06 -25.41
CA ALA A 446 28.19 5.79 -26.53
C ALA A 446 27.59 6.48 -27.76
N VAL A 447 28.12 7.64 -28.08
CA VAL A 447 27.55 8.50 -29.13
C VAL A 447 28.27 8.23 -30.45
N ILE A 448 27.49 8.16 -31.53
CA ILE A 448 28.07 7.99 -32.86
C ILE A 448 28.75 9.28 -33.27
N PRO A 449 30.01 9.24 -33.71
CA PRO A 449 30.71 10.48 -34.09
C PRO A 449 30.11 11.07 -35.36
N ASN A 450 29.92 12.39 -35.34
CA ASN A 450 29.35 13.07 -36.51
C ASN A 450 30.37 13.18 -37.64
N ALA A 451 31.66 13.20 -37.29
CA ALA A 451 32.70 13.32 -38.32
C ALA A 451 32.70 12.12 -39.26
N SER A 452 32.53 10.92 -38.73
CA SER A 452 32.56 9.69 -39.51
C SER A 452 31.22 8.97 -39.53
N ALA A 453 30.13 9.72 -39.64
CA ALA A 453 28.80 9.09 -39.73
C ALA A 453 28.46 8.71 -41.17
N LYS A 454 29.41 8.03 -41.83
CA LYS A 454 29.19 7.50 -43.15
C LYS A 454 29.84 6.14 -43.36
N ASP A 455 30.45 5.55 -42.34
CA ASP A 455 31.13 4.28 -42.47
C ASP A 455 30.13 3.15 -42.67
N ASP A 456 30.59 2.07 -43.29
CA ASP A 456 29.76 0.89 -43.47
C ASP A 456 29.47 0.21 -42.13
N ARG A 457 30.26 0.52 -41.10
CA ARG A 457 30.01 -0.03 -39.78
C ARG A 457 28.65 0.40 -39.24
N PHE A 458 28.17 1.58 -39.65
CA PHE A 458 26.89 2.10 -39.21
C PHE A 458 25.83 1.99 -40.29
N LEU A 459 26.12 1.28 -41.40
CA LEU A 459 25.16 1.15 -42.48
C LEU A 459 23.89 0.46 -42.02
N ASP A 460 24.05 -0.60 -41.21
CA ASP A 460 22.88 -1.28 -40.67
C ASP A 460 22.08 -0.38 -39.74
N LEU A 461 22.77 0.47 -38.96
CA LEU A 461 22.05 1.40 -38.09
C LEU A 461 21.23 2.38 -38.90
N ARG A 462 21.80 2.91 -39.98
CA ARG A 462 21.03 3.79 -40.86
C ARG A 462 19.86 3.04 -41.50
N LYS A 463 20.08 1.80 -41.91
CA LYS A 463 19.01 1.02 -42.54
C LYS A 463 17.86 0.75 -41.58
N ALA A 464 18.16 0.42 -40.33
CA ALA A 464 17.14 0.06 -39.35
C ALA A 464 16.49 1.28 -38.69
N VAL A 465 16.95 2.48 -39.00
CA VAL A 465 16.39 3.70 -38.43
C VAL A 465 15.55 4.47 -39.44
N GLY A 466 15.55 4.05 -40.70
CA GLY A 466 14.77 4.72 -41.73
C GLY A 466 13.34 4.23 -41.77
N PHE A 467 12.63 4.63 -42.83
CA PHE A 467 11.22 4.30 -42.99
C PHE A 467 11.02 3.47 -44.24
N LYS A 468 10.27 2.38 -44.11
CA LYS A 468 9.85 1.54 -45.23
C LYS A 468 11.04 1.01 -46.03
N GLY A 469 12.09 0.63 -45.32
CA GLY A 469 13.27 0.08 -45.95
C GLY A 469 14.25 1.10 -46.49
N ASP A 470 13.95 2.39 -46.40
CA ASP A 470 14.84 3.42 -46.88
C ASP A 470 15.85 3.79 -45.81
N LEU A 471 17.00 4.30 -46.25
CA LEU A 471 18.02 4.74 -45.32
C LEU A 471 17.57 5.98 -44.56
N GLY A 472 17.94 6.05 -43.29
CA GLY A 472 17.62 7.21 -42.48
C GLY A 472 18.86 8.02 -42.15
N TYR A 473 18.77 8.90 -41.16
CA TYR A 473 19.89 9.70 -40.72
C TYR A 473 20.16 9.43 -39.25
N ILE A 474 21.40 9.04 -38.94
CA ILE A 474 21.79 8.74 -37.57
C ILE A 474 22.52 9.90 -36.91
N THR A 475 22.65 11.04 -37.59
CA THR A 475 23.36 12.18 -37.05
C THR A 475 22.92 13.44 -37.80
N GLY A 476 22.62 14.48 -37.04
CA GLY A 476 22.19 15.73 -37.64
C GLY A 476 22.06 16.80 -36.60
N ASN A 477 21.18 17.77 -36.87
CA ASN A 477 20.94 18.88 -35.96
C ASN A 477 19.44 19.09 -35.81
N VAL A 478 19.05 19.63 -34.64
CA VAL A 478 17.65 19.91 -34.39
C VAL A 478 17.16 20.96 -35.38
N THR A 479 15.87 20.86 -35.73
CA THR A 479 15.30 21.73 -36.76
C THR A 479 15.47 23.20 -36.41
N ASN A 480 14.87 23.65 -35.31
CA ASN A 480 14.93 25.05 -34.92
C ASN A 480 16.10 25.32 -33.97
N ALA A 481 17.29 24.88 -34.36
CA ALA A 481 18.50 25.13 -33.59
C ALA A 481 19.75 24.78 -34.40
N LYS A 482 20.69 25.71 -34.49
CA LYS A 482 21.94 25.48 -35.20
C LYS A 482 23.06 25.00 -34.28
N GLU A 483 22.81 24.90 -32.97
CA GLU A 483 23.82 24.49 -32.00
C GLU A 483 23.31 23.33 -31.16
N LEU A 484 22.46 22.47 -31.74
CA LEU A 484 21.84 21.37 -31.04
C LEU A 484 22.04 20.06 -31.81
N SER A 485 23.29 19.81 -32.21
CA SER A 485 23.60 18.59 -32.94
C SER A 485 23.21 17.35 -32.15
N TRP A 486 22.57 16.40 -32.83
CA TRP A 486 22.09 15.18 -32.21
C TRP A 486 22.71 13.98 -32.89
N ALA A 487 22.78 12.88 -32.16
CA ALA A 487 23.31 11.63 -32.70
C ALA A 487 22.72 10.46 -31.93
N GLU A 488 22.57 9.34 -32.61
CA GLU A 488 22.08 8.12 -31.98
C GLU A 488 23.11 7.60 -30.99
N ALA A 489 22.63 7.14 -29.82
CA ALA A 489 23.49 6.69 -28.75
C ALA A 489 22.84 5.50 -28.06
N VAL A 490 23.55 4.93 -27.08
CA VAL A 490 23.04 3.84 -26.26
C VAL A 490 23.66 3.95 -24.88
N SER A 491 22.85 3.70 -23.86
CA SER A 491 23.33 3.80 -22.48
C SER A 491 23.67 2.42 -21.95
N ILE A 492 24.85 2.29 -21.34
CA ILE A 492 25.33 1.03 -20.82
C ILE A 492 25.36 1.13 -19.29
N ARG A 493 24.64 0.22 -18.63
CA ARG A 493 24.60 0.16 -17.18
C ARG A 493 24.94 -1.24 -16.72
N LEU A 494 25.41 -1.34 -15.48
CA LEU A 494 25.73 -2.60 -14.85
C LEU A 494 24.76 -2.83 -13.70
N GLU A 495 24.11 -3.98 -13.69
CA GLU A 495 23.10 -4.31 -12.69
C GLU A 495 23.39 -5.66 -12.08
N GLU A 496 23.09 -5.80 -10.79
CA GLU A 496 23.29 -7.03 -10.04
C GLU A 496 21.92 -7.58 -9.64
N ARG A 497 21.70 -8.87 -9.91
CA ARG A 497 20.43 -9.50 -9.59
C ARG A 497 20.71 -10.92 -9.09
N GLY A 498 20.79 -11.07 -7.78
CA GLY A 498 20.92 -12.40 -7.19
C GLY A 498 22.17 -13.16 -7.57
N GLY A 499 23.33 -12.50 -7.51
CA GLY A 499 24.59 -13.18 -7.77
C GLY A 499 25.01 -13.23 -9.21
N LYS A 500 24.33 -12.52 -10.11
CA LYS A 500 24.72 -12.44 -11.51
C LYS A 500 24.85 -10.98 -11.92
N LEU A 501 25.70 -10.74 -12.91
CA LEU A 501 25.96 -9.40 -13.41
C LEU A 501 25.44 -9.28 -14.84
N TRP A 502 24.59 -8.29 -15.07
CA TRP A 502 24.02 -8.03 -16.38
C TRP A 502 24.46 -6.65 -16.86
N ILE A 503 24.56 -6.52 -18.18
CA ILE A 503 24.83 -5.24 -18.84
C ILE A 503 23.56 -4.83 -19.57
N MET A 504 23.01 -3.68 -19.18
CA MET A 504 21.73 -3.23 -19.70
C MET A 504 21.95 -2.13 -20.75
N LEU A 505 21.42 -2.35 -21.95
CA LEU A 505 21.51 -1.39 -23.03
C LEU A 505 20.14 -0.75 -23.25
N LYS A 506 20.15 0.51 -23.69
CA LYS A 506 18.92 1.22 -24.00
C LYS A 506 19.18 2.25 -25.09
N PRO A 507 18.54 2.12 -26.25
CA PRO A 507 18.72 3.13 -27.30
C PRO A 507 18.24 4.50 -26.83
N GLU A 508 18.96 5.54 -27.27
CA GLU A 508 18.66 6.91 -26.91
C GLU A 508 19.40 7.78 -27.92
N ILE A 509 19.13 9.09 -27.91
CA ILE A 509 19.85 10.02 -28.77
C ILE A 509 20.54 11.06 -27.88
N TRP A 510 21.67 11.57 -28.33
CA TRP A 510 22.54 12.40 -27.53
C TRP A 510 22.56 13.83 -28.07
N ILE A 511 22.61 14.79 -27.15
CA ILE A 511 22.65 16.22 -27.50
C ILE A 511 24.00 16.78 -27.07
N LYS A 512 24.65 17.49 -27.98
CA LYS A 512 26.03 17.92 -27.76
C LYS A 512 26.20 18.89 -26.59
N PRO A 513 25.49 20.02 -26.51
CA PRO A 513 25.81 20.99 -25.45
C PRO A 513 25.44 20.52 -24.05
N LEU A 514 24.38 19.69 -23.93
CA LEU A 514 23.94 19.12 -22.66
C LEU A 514 23.29 20.13 -21.74
N ASP A 515 23.31 21.42 -22.11
CA ASP A 515 22.68 22.45 -21.29
C ASP A 515 21.39 22.96 -21.87
N ARG A 516 21.10 22.66 -23.13
CA ARG A 516 19.86 23.08 -23.80
C ARG A 516 19.07 21.80 -24.10
N ARG A 517 18.17 21.44 -23.18
CA ARG A 517 17.48 20.15 -23.24
C ARG A 517 15.99 20.25 -23.48
N GLU A 518 15.40 21.45 -23.50
CA GLU A 518 13.96 21.54 -23.70
C GLU A 518 13.55 21.15 -25.11
N GLU A 519 14.04 21.89 -26.11
CA GLU A 519 13.83 21.52 -27.50
C GLU A 519 14.45 20.17 -27.81
N ALA A 520 15.49 19.77 -27.09
CA ALA A 520 16.05 18.44 -27.24
C ALA A 520 15.03 17.37 -26.85
N THR A 521 14.31 17.57 -25.73
CA THR A 521 13.27 16.62 -25.33
C THR A 521 12.13 16.61 -26.33
N ASP A 522 11.75 17.79 -26.84
CA ASP A 522 10.69 17.83 -27.86
C ASP A 522 11.12 17.04 -29.08
N PHE A 523 12.37 17.24 -29.52
CA PHE A 523 12.89 16.50 -30.67
C PHE A 523 12.97 15.00 -30.38
N ILE A 524 13.33 14.64 -29.15
CA ILE A 524 13.37 13.24 -28.75
C ILE A 524 11.99 12.60 -28.89
N ARG A 525 10.97 13.29 -28.39
CA ARG A 525 9.61 12.76 -28.50
C ARG A 525 9.19 12.60 -29.95
N SER A 526 9.45 13.63 -30.77
CA SER A 526 9.04 13.56 -32.17
C SER A 526 9.77 12.45 -32.91
N ARG A 527 11.04 12.21 -32.56
CA ARG A 527 11.80 11.15 -33.22
C ARG A 527 11.35 9.77 -32.77
N ARG A 528 11.15 9.59 -31.47
CA ARG A 528 10.86 8.29 -30.89
C ARG A 528 9.38 7.93 -30.94
N ARG A 529 8.51 8.82 -31.43
CA ARG A 529 7.10 8.51 -31.51
C ARG A 529 6.84 7.18 -32.24
N TYR A 530 7.40 7.04 -33.44
CA TYR A 530 7.18 5.83 -34.25
C TYR A 530 8.37 4.88 -34.15
N ARG A 531 8.61 4.37 -32.94
CA ARG A 531 9.62 3.33 -32.71
C ARG A 531 8.98 2.20 -31.92
N PHE A 532 8.31 1.31 -32.63
CA PHE A 532 7.54 0.25 -31.99
C PHE A 532 8.40 -1.01 -31.85
N ASN A 533 7.75 -2.14 -31.55
CA ASN A 533 8.47 -3.37 -31.27
C ASN A 533 9.36 -3.79 -32.43
N GLN A 534 8.83 -3.77 -33.66
CA GLN A 534 9.59 -4.23 -34.81
C GLN A 534 10.81 -3.35 -35.07
N CYS A 535 10.69 -2.05 -34.82
CA CYS A 535 11.82 -1.15 -35.02
C CYS A 535 12.82 -1.28 -33.87
N SER A 536 12.32 -1.47 -32.64
CA SER A 536 13.22 -1.58 -31.50
C SER A 536 14.07 -2.84 -31.59
N TYR A 537 13.48 -3.94 -32.07
CA TYR A 537 14.25 -5.17 -32.27
C TYR A 537 15.45 -4.92 -33.18
N GLN A 538 15.22 -4.30 -34.34
CA GLN A 538 16.29 -4.04 -35.28
C GLN A 538 17.31 -3.07 -34.72
N ILE A 539 16.87 -2.03 -34.02
CA ILE A 539 17.80 -1.06 -33.45
C ILE A 539 18.69 -1.73 -32.40
N LEU A 540 18.10 -2.57 -31.55
CA LEU A 540 18.90 -3.27 -30.54
C LEU A 540 19.91 -4.20 -31.19
N ASP A 541 19.49 -4.94 -32.21
CA ASP A 541 20.42 -5.84 -32.89
C ASP A 541 21.57 -5.05 -33.53
N ALA A 542 21.24 -3.93 -34.18
CA ALA A 542 22.27 -3.11 -34.81
C ALA A 542 23.26 -2.59 -33.78
N TRP A 543 22.77 -2.07 -32.66
CA TRP A 543 23.68 -1.56 -31.63
C TRP A 543 24.54 -2.67 -31.04
N ILE A 544 23.96 -3.85 -30.82
CA ILE A 544 24.73 -4.96 -30.27
C ILE A 544 25.85 -5.37 -31.20
N LYS A 545 25.56 -5.49 -32.50
CA LYS A 545 26.60 -5.93 -33.42
C LYS A 545 27.58 -4.80 -33.72
N ILE A 546 27.19 -3.55 -33.49
CA ILE A 546 28.13 -2.44 -33.59
C ILE A 546 29.13 -2.48 -32.44
N LEU A 547 28.63 -2.72 -31.22
CA LEU A 547 29.50 -2.65 -30.05
C LEU A 547 30.30 -3.92 -29.86
N PHE A 548 29.63 -5.06 -29.67
CA PHE A 548 30.30 -6.30 -29.26
C PHE A 548 30.77 -7.10 -30.47
N GLY A 549 31.73 -6.51 -31.20
CA GLY A 549 32.35 -7.21 -32.30
C GLY A 549 31.38 -7.64 -33.38
N SER A 550 31.13 -8.95 -33.46
CA SER A 550 30.20 -9.51 -34.43
C SER A 550 29.35 -10.58 -33.76
N ILE A 551 28.24 -10.91 -34.40
CA ILE A 551 27.32 -11.94 -33.90
C ILE A 551 27.20 -13.03 -34.95
N GLY A 552 26.35 -14.02 -34.70
CA GLY A 552 26.27 -15.19 -35.54
C GLY A 552 27.06 -16.35 -34.99
N GLY A 553 28.25 -16.06 -34.45
CA GLY A 553 28.99 -17.08 -33.74
C GLY A 553 28.27 -17.60 -32.51
N GLY A 554 27.55 -16.72 -31.80
CA GLY A 554 26.81 -17.12 -30.62
C GLY A 554 27.68 -17.58 -29.47
N GLY A 555 28.84 -16.96 -29.29
CA GLY A 555 29.72 -17.33 -28.20
C GLY A 555 29.82 -16.29 -27.11
N THR A 556 31.03 -16.07 -26.61
CA THR A 556 31.28 -15.10 -25.53
C THR A 556 32.49 -14.28 -25.94
N VAL A 557 32.25 -13.05 -26.39
CA VAL A 557 33.35 -12.17 -26.82
C VAL A 557 34.19 -11.79 -25.62
N ASN A 558 35.45 -11.45 -25.87
CA ASN A 558 36.39 -11.07 -24.82
C ASN A 558 36.91 -9.66 -25.08
N ILE A 559 36.89 -8.83 -24.06
CA ILE A 559 37.41 -7.47 -24.14
C ILE A 559 38.49 -7.30 -23.07
N SER A 560 39.49 -6.51 -23.39
CA SER A 560 40.61 -6.24 -22.48
C SER A 560 40.76 -4.74 -22.28
N CYS A 561 40.85 -4.32 -21.02
CA CYS A 561 41.07 -2.92 -20.67
C CYS A 561 42.56 -2.72 -20.43
N PHE A 562 43.18 -1.90 -21.26
CA PHE A 562 44.62 -1.67 -21.23
C PHE A 562 45.39 -3.00 -21.35
N PRO A 563 45.31 -3.67 -22.50
CA PRO A 563 45.91 -5.01 -22.61
C PRO A 563 47.41 -5.03 -22.37
N ASP A 564 48.13 -3.99 -22.77
CA ASP A 564 49.58 -3.94 -22.60
C ASP A 564 49.94 -3.19 -21.32
N ALA A 565 49.52 -3.77 -20.19
CA ALA A 565 49.79 -3.20 -18.88
C ALA A 565 49.88 -4.32 -17.86
N GLU A 566 50.51 -4.02 -16.73
CA GLU A 566 50.67 -5.02 -15.68
C GLU A 566 49.34 -5.31 -14.99
N PHE A 567 48.45 -4.33 -14.93
CA PHE A 567 47.15 -4.45 -14.26
C PHE A 567 46.06 -4.22 -15.30
N LYS A 568 45.65 -5.29 -15.98
CA LYS A 568 44.59 -5.23 -16.97
C LYS A 568 43.34 -5.92 -16.42
N ALA A 569 42.24 -5.83 -17.17
CA ALA A 569 40.99 -6.46 -16.76
C ALA A 569 40.39 -7.14 -17.99
N GLU A 570 40.00 -8.40 -17.83
CA GLU A 570 39.41 -9.19 -18.91
C GLU A 570 37.97 -9.55 -18.54
N PHE A 571 37.09 -9.53 -19.54
CA PHE A 571 35.69 -9.86 -19.35
C PHE A 571 35.21 -10.77 -20.46
N GLU A 572 34.16 -11.53 -20.18
CA GLU A 572 33.63 -12.55 -21.10
C GLU A 572 32.15 -12.33 -21.35
N ILE A 573 31.79 -11.09 -21.70
CA ILE A 573 30.40 -10.78 -21.96
C ILE A 573 29.88 -11.57 -23.16
N GLY A 574 28.73 -12.19 -22.99
CA GLY A 574 28.11 -12.95 -24.06
C GLY A 574 27.50 -12.05 -25.12
N THR A 575 27.37 -12.60 -26.33
CA THR A 575 26.83 -11.82 -27.43
C THR A 575 25.31 -11.86 -27.47
N ARG A 576 24.72 -13.02 -27.21
CA ARG A 576 23.27 -13.15 -27.28
C ARG A 576 22.62 -12.57 -26.03
N THR A 577 21.54 -11.82 -26.23
CA THR A 577 20.80 -11.20 -25.14
C THR A 577 19.80 -12.20 -24.56
N ALA A 578 19.69 -12.22 -23.23
CA ALA A 578 18.87 -13.21 -22.55
C ALA A 578 17.42 -13.14 -23.02
N PHE A 579 16.83 -14.33 -23.21
CA PHE A 579 15.46 -14.46 -23.66
C PHE A 579 14.72 -15.41 -22.73
N SER A 580 13.45 -15.64 -23.00
CA SER A 580 12.64 -16.53 -22.18
C SER A 580 11.39 -16.94 -22.94
N LEU A 581 10.94 -18.17 -22.69
CA LEU A 581 9.72 -18.69 -23.27
C LEU A 581 9.24 -19.86 -22.42
N GLY A 582 7.93 -20.02 -22.28
CA GLY A 582 7.42 -21.07 -21.41
C GLY A 582 5.91 -21.24 -21.37
N VAL A 583 5.38 -21.43 -20.16
CA VAL A 583 3.99 -21.82 -19.90
C VAL A 583 3.82 -23.26 -20.36
N GLY A 584 3.30 -23.46 -21.56
CA GLY A 584 3.06 -24.79 -22.09
C GLY A 584 1.95 -25.53 -21.36
N LEU B 5 25.19 -19.71 -21.58
CA LEU B 5 23.79 -19.64 -21.96
C LEU B 5 23.08 -18.53 -21.19
N SER B 6 21.99 -18.02 -21.76
CA SER B 6 21.24 -16.92 -21.17
C SER B 6 19.74 -17.17 -21.28
N GLN B 7 19.32 -18.38 -20.93
CA GLN B 7 17.90 -18.72 -20.90
C GLN B 7 17.32 -18.28 -19.57
N LEU B 8 16.46 -17.27 -19.60
CA LEU B 8 15.94 -16.65 -18.37
C LEU B 8 14.66 -17.35 -17.91
N ALA B 9 14.82 -18.62 -17.51
CA ALA B 9 13.73 -19.43 -16.97
C ALA B 9 12.56 -19.49 -17.94
N ALA B 10 11.34 -19.39 -17.42
CA ALA B 10 10.13 -19.40 -18.23
C ALA B 10 9.17 -18.34 -17.73
N HIS B 11 8.43 -17.74 -18.65
CA HIS B 11 7.44 -16.72 -18.30
C HIS B 11 6.05 -17.33 -18.25
N SER B 12 5.08 -16.53 -17.79
CA SER B 12 3.70 -16.95 -17.72
C SER B 12 2.80 -15.74 -17.91
N THR B 13 1.57 -16.00 -18.33
CA THR B 13 0.60 -14.95 -18.65
C THR B 13 -0.64 -15.11 -17.78
N ILE B 14 -1.07 -14.03 -17.17
CA ILE B 14 -2.29 -14.00 -16.36
C ILE B 14 -3.44 -13.56 -17.27
N PRO B 15 -4.51 -14.32 -17.37
CA PRO B 15 -5.66 -13.86 -18.18
C PRO B 15 -6.23 -12.57 -17.62
N GLU B 16 -6.73 -11.74 -18.53
CA GLU B 16 -7.22 -10.43 -18.15
C GLU B 16 -8.37 -10.55 -17.16
N PRO B 17 -8.32 -9.84 -16.03
CA PRO B 17 -9.37 -9.99 -15.02
C PRO B 17 -10.72 -9.50 -15.52
N LEU B 18 -11.78 -10.11 -15.00
CA LEU B 18 -13.15 -9.78 -15.37
C LEU B 18 -13.79 -8.92 -14.28
N LEU B 19 -14.71 -8.06 -14.71
CA LEU B 19 -15.45 -7.19 -13.79
C LEU B 19 -16.88 -7.67 -13.67
N LEU B 20 -17.53 -7.30 -12.57
CA LEU B 20 -18.88 -7.73 -12.26
C LEU B 20 -19.83 -6.55 -12.31
N PHE B 21 -20.97 -6.73 -12.95
CA PHE B 21 -21.95 -5.66 -13.12
C PHE B 21 -23.32 -6.08 -12.61
N LYS B 22 -24.34 -5.28 -12.89
CA LYS B 22 -25.68 -5.55 -12.39
C LYS B 22 -26.20 -6.89 -12.90
N ASP B 23 -26.97 -7.57 -12.05
CA ASP B 23 -27.58 -8.86 -12.38
C ASP B 23 -26.54 -9.94 -12.65
N ASN B 24 -25.35 -9.77 -12.09
CA ASN B 24 -24.27 -10.76 -12.17
C ASN B 24 -23.89 -11.06 -13.62
N ARG B 25 -23.44 -10.02 -14.32
CA ARG B 25 -22.90 -10.15 -15.66
C ARG B 25 -21.46 -9.66 -15.69
N THR B 26 -20.63 -10.27 -16.52
CA THR B 26 -19.19 -10.04 -16.52
C THR B 26 -18.73 -9.51 -17.87
N ASP B 27 -17.74 -8.63 -17.82
CA ASP B 27 -17.10 -8.10 -19.02
C ASP B 27 -15.75 -7.51 -18.61
N THR B 28 -14.82 -7.50 -19.56
CA THR B 28 -13.49 -6.95 -19.28
C THR B 28 -13.43 -5.44 -19.51
N HIS B 29 -14.27 -4.92 -20.38
CA HIS B 29 -14.29 -3.49 -20.67
C HIS B 29 -15.22 -2.79 -19.68
N PRO B 30 -14.72 -1.87 -18.85
CA PRO B 30 -15.60 -1.24 -17.85
C PRO B 30 -16.68 -0.37 -18.47
N LEU B 31 -16.29 0.45 -19.45
CA LEU B 31 -17.24 1.38 -20.06
C LEU B 31 -18.35 0.63 -20.79
N ARG B 32 -18.00 -0.40 -21.56
CA ARG B 32 -19.01 -1.18 -22.27
C ARG B 32 -19.94 -1.90 -21.30
N GLY B 33 -19.37 -2.49 -20.24
CA GLY B 33 -20.20 -3.15 -19.25
C GLY B 33 -21.17 -2.19 -18.58
N LEU B 34 -20.71 -0.98 -18.27
CA LEU B 34 -21.60 0.04 -17.73
C LEU B 34 -22.69 0.41 -18.74
N SER B 35 -22.32 0.51 -20.01
CA SER B 35 -23.29 0.92 -21.03
C SER B 35 -24.40 -0.12 -21.20
N GLN B 36 -24.05 -1.40 -21.34
CA GLN B 36 -25.08 -2.39 -21.60
C GLN B 36 -25.82 -2.81 -20.33
N TYR B 37 -25.10 -2.98 -19.22
CA TYR B 37 -25.69 -3.59 -18.04
C TYR B 37 -26.03 -2.58 -16.95
N GLY B 38 -25.11 -1.69 -16.61
CA GLY B 38 -25.34 -0.74 -15.55
C GLY B 38 -24.45 -1.01 -14.35
N PRO B 39 -24.51 -0.12 -13.37
CA PRO B 39 -23.63 -0.26 -12.20
C PRO B 39 -24.06 -1.42 -11.31
N TYR B 40 -23.11 -1.88 -10.51
CA TYR B 40 -23.40 -2.93 -9.54
C TYR B 40 -24.46 -2.46 -8.55
N SER B 41 -25.44 -3.31 -8.28
CA SER B 41 -26.54 -3.00 -7.39
C SER B 41 -26.42 -3.86 -6.13
N ALA B 42 -26.43 -3.21 -4.97
CA ALA B 42 -26.36 -3.90 -3.69
C ALA B 42 -27.30 -3.19 -2.74
N CYS B 43 -28.42 -3.83 -2.43
CA CYS B 43 -29.51 -3.20 -1.67
C CYS B 43 -29.93 -1.95 -2.45
N PHE B 44 -30.26 -0.88 -1.73
CA PHE B 44 -30.43 0.43 -2.32
C PHE B 44 -29.24 1.36 -2.13
N ASN B 45 -28.68 1.45 -0.92
CA ASN B 45 -27.49 2.24 -0.60
C ASN B 45 -27.76 3.73 -0.74
N LEU B 46 -28.96 4.06 -1.22
CA LEU B 46 -29.48 5.42 -1.42
C LEU B 46 -28.64 6.34 -2.29
N PRO B 47 -28.13 5.90 -3.46
CA PRO B 47 -27.88 6.88 -4.53
C PRO B 47 -29.11 6.97 -5.41
N GLY B 48 -30.29 7.06 -4.79
CA GLY B 48 -31.52 7.07 -5.57
C GLY B 48 -31.80 8.42 -6.19
N GLN B 49 -31.15 9.46 -5.69
CA GLN B 49 -31.32 10.80 -6.23
C GLN B 49 -30.02 11.56 -6.00
N VAL B 50 -29.15 11.56 -6.99
CA VAL B 50 -27.86 12.21 -6.88
C VAL B 50 -28.06 13.72 -6.99
N ARG B 51 -28.13 14.40 -5.85
CA ARG B 51 -28.35 15.84 -5.81
C ARG B 51 -27.01 16.55 -5.77
N LEU B 52 -26.86 17.56 -6.61
CA LEU B 52 -25.61 18.29 -6.74
C LEU B 52 -25.73 19.67 -6.10
N ALA B 53 -24.58 20.26 -5.79
CA ALA B 53 -24.49 21.62 -5.30
C ALA B 53 -23.37 22.33 -6.03
N TYR B 54 -23.46 23.66 -6.09
CA TYR B 54 -22.52 24.47 -6.85
C TYR B 54 -21.72 25.36 -5.93
N LEU B 55 -20.47 25.61 -6.32
CA LEU B 55 -19.62 26.57 -5.62
C LEU B 55 -18.69 27.16 -6.68
N ALA B 56 -19.02 28.35 -7.15
CA ALA B 56 -18.30 29.03 -8.23
C ALA B 56 -18.83 30.45 -8.38
N PRO B 57 -18.04 31.38 -8.91
CA PRO B 57 -18.55 32.74 -9.13
C PRO B 57 -19.74 32.72 -10.08
N THR B 58 -20.69 33.63 -9.83
CA THR B 58 -21.92 33.66 -10.64
C THR B 58 -21.63 34.02 -12.08
N GLU B 59 -20.48 34.66 -12.35
CA GLU B 59 -20.07 34.87 -13.73
C GLU B 59 -19.61 33.57 -14.39
N HIS B 60 -19.19 32.58 -13.60
CA HIS B 60 -18.79 31.28 -14.11
C HIS B 60 -19.77 30.18 -13.74
N MET B 61 -20.97 30.54 -13.28
CA MET B 61 -21.96 29.52 -12.93
C MET B 61 -22.62 28.93 -14.16
N ARG B 62 -22.70 29.73 -15.24
CA ARG B 62 -23.38 29.29 -16.45
C ARG B 62 -22.70 28.07 -17.06
N LYS B 63 -21.37 28.06 -17.10
CA LYS B 63 -20.65 26.94 -17.70
C LYS B 63 -20.80 25.66 -16.86
N LEU B 64 -20.78 25.81 -15.54
CA LEU B 64 -21.01 24.66 -14.67
C LEU B 64 -22.41 24.10 -14.87
N ASP B 65 -23.40 24.98 -14.97
CA ASP B 65 -24.75 24.54 -15.28
C ASP B 65 -24.81 23.83 -16.63
N ALA B 66 -24.06 24.35 -17.61
CA ALA B 66 -24.05 23.74 -18.94
C ALA B 66 -23.48 22.33 -18.90
N ILE B 67 -22.39 22.13 -18.17
CA ILE B 67 -21.80 20.79 -18.10
C ILE B 67 -22.72 19.85 -17.32
N VAL B 68 -23.42 20.36 -16.30
CA VAL B 68 -24.36 19.51 -15.58
C VAL B 68 -25.52 19.11 -16.49
N ARG B 69 -26.01 20.03 -17.33
CA ARG B 69 -27.03 19.67 -18.30
C ARG B 69 -26.51 18.64 -19.30
N GLU B 70 -25.28 18.82 -19.78
CA GLU B 70 -24.67 17.85 -20.68
C GLU B 70 -24.53 16.47 -20.04
N LEU B 71 -24.41 16.41 -18.71
CA LEU B 71 -24.33 15.13 -18.04
C LEU B 71 -25.57 14.25 -18.22
N GLN B 72 -26.73 14.84 -18.54
CA GLN B 72 -27.96 14.08 -18.69
C GLN B 72 -28.35 13.89 -20.16
N ASN B 73 -27.46 14.19 -21.09
CA ASN B 73 -27.75 14.03 -22.50
C ASN B 73 -26.68 13.18 -23.16
N PRO B 74 -27.05 12.39 -24.19
CA PRO B 74 -26.08 11.49 -24.82
C PRO B 74 -24.99 12.25 -25.57
N ALA B 75 -23.84 11.60 -25.66
CA ALA B 75 -22.69 12.14 -26.37
C ALA B 75 -22.04 11.04 -27.19
N THR B 76 -21.27 11.43 -28.20
CA THR B 76 -20.69 10.49 -29.14
C THR B 76 -19.18 10.67 -29.21
N PRO B 77 -18.43 9.60 -29.49
CA PRO B 77 -16.97 9.74 -29.59
C PRO B 77 -16.50 10.62 -30.73
N LYS B 78 -17.33 10.83 -31.75
CA LYS B 78 -17.10 11.77 -32.85
C LYS B 78 -15.95 11.36 -33.76
N GLU B 79 -15.24 10.29 -33.42
CA GLU B 79 -14.10 9.84 -34.20
C GLU B 79 -13.76 8.40 -33.81
N ALA B 80 -12.69 7.89 -34.40
CA ALA B 80 -12.22 6.53 -34.13
C ALA B 80 -11.29 6.54 -32.92
N THR B 81 -11.92 6.61 -31.74
CA THR B 81 -11.15 6.69 -30.49
C THR B 81 -10.56 5.35 -30.08
N ASN B 82 -11.09 4.24 -30.59
CA ASN B 82 -10.52 2.90 -30.42
C ASN B 82 -10.73 2.36 -29.00
N TYR B 83 -11.18 3.20 -28.09
CA TYR B 83 -11.43 2.72 -26.74
C TYR B 83 -12.80 3.10 -26.20
N TYR B 84 -13.29 4.31 -26.50
CA TYR B 84 -14.45 4.85 -25.80
C TYR B 84 -15.75 4.44 -26.47
N VAL B 85 -16.77 4.24 -25.65
CA VAL B 85 -18.08 3.84 -26.12
C VAL B 85 -19.04 5.02 -25.97
N GLU B 86 -20.01 5.11 -26.87
CA GLU B 86 -20.93 6.23 -26.89
C GLU B 86 -21.65 6.39 -25.56
N TYR B 87 -21.69 7.61 -25.05
CA TYR B 87 -22.33 7.91 -23.78
C TYR B 87 -23.83 8.13 -23.99
N GLY B 88 -24.63 7.51 -23.13
CA GLY B 88 -26.08 7.55 -23.26
C GLY B 88 -26.82 8.44 -22.28
N GLY B 89 -26.11 9.24 -21.49
CA GLY B 89 -26.75 10.09 -20.50
C GLY B 89 -26.79 9.44 -19.13
N PHE B 90 -27.01 10.28 -18.11
CA PHE B 90 -26.99 9.79 -16.73
C PHE B 90 -28.22 8.95 -16.43
N GLU B 91 -29.36 9.27 -17.04
CA GLU B 91 -30.54 8.43 -16.87
C GLU B 91 -30.28 7.03 -17.39
N LYS B 92 -29.71 6.91 -18.58
CA LYS B 92 -29.20 5.63 -19.05
C LYS B 92 -27.98 5.24 -18.23
N VAL B 93 -27.48 4.03 -18.47
CA VAL B 93 -26.25 3.53 -17.85
C VAL B 93 -26.45 3.39 -16.34
N PHE B 94 -26.55 4.52 -15.64
CA PHE B 94 -26.51 4.49 -14.18
C PHE B 94 -27.86 4.14 -13.58
N LYS B 95 -28.93 4.23 -14.37
CA LYS B 95 -30.29 3.95 -13.92
C LYS B 95 -30.70 4.78 -12.71
N VAL B 96 -30.20 6.01 -12.60
CA VAL B 96 -30.48 6.85 -11.45
C VAL B 96 -30.62 8.31 -11.90
N PRO B 97 -31.66 9.01 -11.47
CA PRO B 97 -31.81 10.42 -11.85
C PRO B 97 -30.72 11.29 -11.26
N LEU B 98 -30.34 12.32 -12.02
CA LEU B 98 -29.42 13.37 -11.56
C LEU B 98 -30.23 14.65 -11.44
N VAL B 99 -30.19 15.27 -10.26
CA VAL B 99 -31.02 16.43 -9.98
C VAL B 99 -30.17 17.69 -10.04
N MET B 100 -30.58 18.65 -10.86
CA MET B 100 -29.96 19.95 -10.88
C MET B 100 -30.28 20.70 -9.58
N PRO B 101 -29.31 21.44 -9.05
CA PRO B 101 -29.58 22.20 -7.82
C PRO B 101 -30.54 23.35 -8.07
N GLN B 102 -31.24 23.73 -7.02
CA GLN B 102 -32.17 24.86 -7.06
C GLN B 102 -31.41 26.13 -6.68
N GLU B 103 -32.16 27.22 -6.49
CA GLU B 103 -31.53 28.49 -6.13
C GLU B 103 -30.96 28.46 -4.72
N HIS B 104 -31.52 27.61 -3.86
CA HIS B 104 -31.13 27.55 -2.45
C HIS B 104 -29.76 26.94 -2.25
N LEU B 105 -29.21 26.26 -3.24
CA LEU B 105 -27.92 25.57 -3.09
C LEU B 105 -26.89 26.12 -4.06
N ARG B 106 -26.78 27.45 -4.15
CA ARG B 106 -25.90 28.12 -5.11
C ARG B 106 -24.95 29.06 -4.39
N CYS B 107 -24.30 28.58 -3.34
CA CYS B 107 -23.35 29.38 -2.59
C CYS B 107 -22.13 29.73 -3.43
N LEU B 108 -21.54 30.88 -3.14
CA LEU B 108 -20.40 31.36 -3.93
C LEU B 108 -19.62 32.38 -3.13
N ALA B 109 -18.38 32.61 -3.54
CA ALA B 109 -17.52 33.65 -3.01
C ALA B 109 -17.61 34.88 -3.90
N LEU B 110 -17.67 36.07 -3.28
CA LEU B 110 -18.05 37.27 -4.03
C LEU B 110 -16.89 37.88 -4.80
N ASP B 111 -15.90 38.42 -4.11
CA ASP B 111 -14.78 39.06 -4.81
C ASP B 111 -13.43 38.90 -4.14
N GLU B 112 -13.31 38.17 -3.03
CA GLU B 112 -12.06 38.17 -2.28
C GLU B 112 -10.97 37.36 -2.96
N CYS B 113 -11.32 36.36 -3.76
CA CYS B 113 -10.34 35.38 -4.20
C CYS B 113 -9.60 35.81 -5.46
N HIS B 114 -10.18 36.71 -6.25
CA HIS B 114 -9.56 37.07 -7.53
C HIS B 114 -8.20 37.74 -7.34
N GLY B 115 -8.14 38.79 -6.51
CA GLY B 115 -6.86 39.46 -6.29
C GLY B 115 -5.85 38.57 -5.59
N VAL B 116 -6.33 37.72 -4.68
CA VAL B 116 -5.44 36.78 -4.00
C VAL B 116 -4.83 35.79 -4.99
N ALA B 117 -5.65 35.26 -5.89
CA ALA B 117 -5.14 34.33 -6.89
C ALA B 117 -4.19 35.03 -7.85
N ALA B 118 -4.46 36.29 -8.18
CA ALA B 118 -3.53 37.06 -8.98
C ALA B 118 -2.20 37.32 -8.27
N ASN B 119 -2.16 37.17 -6.94
CA ASN B 119 -0.94 37.36 -6.16
C ASN B 119 -0.28 36.04 -5.77
N GLY B 120 -0.85 34.91 -6.16
CA GLY B 120 -0.24 33.62 -5.85
C GLY B 120 -0.20 33.27 -4.38
N ASN B 121 -1.30 33.50 -3.66
CA ASN B 121 -1.35 33.19 -2.25
C ASN B 121 -1.81 31.75 -2.01
N GLY B 122 -1.59 31.29 -0.77
CA GLY B 122 -1.85 29.90 -0.41
C GLY B 122 -2.98 29.68 0.56
N LEU B 123 -2.64 29.53 1.85
CA LEU B 123 -3.59 29.03 2.84
C LEU B 123 -4.82 29.92 2.98
N ALA B 124 -4.65 31.23 2.84
CA ALA B 124 -5.77 32.15 3.07
C ALA B 124 -6.91 31.92 2.09
N LEU B 125 -6.60 31.65 0.82
CA LEU B 125 -7.64 31.34 -0.15
C LEU B 125 -8.40 30.09 0.26
N ALA B 126 -7.67 29.06 0.72
CA ALA B 126 -8.32 27.84 1.19
C ALA B 126 -9.22 28.11 2.39
N ASP B 127 -8.78 28.99 3.29
CA ASP B 127 -9.59 29.29 4.47
C ASP B 127 -10.85 30.07 4.10
N LYS B 128 -10.76 30.97 3.13
CA LYS B 128 -11.96 31.67 2.67
C LYS B 128 -12.92 30.71 1.98
N ILE B 129 -12.38 29.79 1.18
CA ILE B 129 -13.20 28.73 0.60
C ILE B 129 -13.86 27.93 1.71
N VAL B 130 -13.14 27.69 2.80
CA VAL B 130 -13.69 26.94 3.94
C VAL B 130 -14.81 27.73 4.61
N GLN B 131 -14.69 29.06 4.66
CA GLN B 131 -15.74 29.85 5.31
C GLN B 131 -17.03 29.85 4.47
N SER B 132 -16.89 30.00 3.15
CA SER B 132 -18.07 29.83 2.29
C SER B 132 -18.58 28.39 2.39
N MET B 133 -17.65 27.45 2.54
CA MET B 133 -18.01 26.05 2.65
C MET B 133 -18.82 25.80 3.93
N SER B 134 -18.54 26.59 4.98
CA SER B 134 -19.33 26.52 6.21
C SER B 134 -20.69 27.17 6.01
N GLY B 135 -20.74 28.26 5.25
CA GLY B 135 -22.03 28.77 4.82
C GLY B 135 -22.86 27.69 4.15
N LEU B 136 -22.19 26.80 3.41
CA LEU B 136 -22.88 25.65 2.81
C LEU B 136 -23.12 24.54 3.84
N PHE B 137 -22.27 24.42 4.86
CA PHE B 137 -22.52 23.44 5.91
C PHE B 137 -23.77 23.78 6.69
N ARG B 138 -24.18 25.04 6.68
CA ARG B 138 -25.48 25.39 7.26
C ARG B 138 -26.63 24.70 6.52
N GLN B 139 -26.39 24.18 5.31
CA GLN B 139 -27.42 23.51 4.53
C GLN B 139 -26.99 22.14 4.01
N LYS B 140 -25.88 21.59 4.52
CA LYS B 140 -25.36 20.29 4.08
C LYS B 140 -26.43 19.26 3.73
N HIS B 141 -27.44 19.08 4.58
CA HIS B 141 -28.40 17.99 4.42
C HIS B 141 -29.41 18.34 3.31
N ALA B 142 -28.87 18.64 2.13
CA ALA B 142 -29.67 18.86 0.94
C ALA B 142 -29.09 18.22 -0.30
N PHE B 143 -27.86 17.72 -0.27
CA PHE B 143 -27.20 17.20 -1.46
C PHE B 143 -26.27 16.06 -1.07
N ASP B 144 -25.75 15.37 -2.08
CA ASP B 144 -24.82 14.26 -1.90
C ASP B 144 -23.40 14.61 -2.29
N VAL B 145 -23.20 15.12 -3.51
CA VAL B 145 -21.89 15.47 -4.02
C VAL B 145 -21.91 16.95 -4.38
N LEU B 146 -20.79 17.62 -4.13
CA LEU B 146 -20.67 19.05 -4.34
C LEU B 146 -19.69 19.32 -5.49
N LEU B 147 -20.05 20.26 -6.36
CA LEU B 147 -19.24 20.63 -7.51
C LEU B 147 -18.57 21.96 -7.24
N VAL B 148 -17.25 22.01 -7.41
CA VAL B 148 -16.47 23.22 -7.21
C VAL B 148 -15.72 23.55 -8.49
N TYR B 149 -15.81 24.80 -8.92
CA TYR B 149 -15.13 25.27 -10.11
C TYR B 149 -14.10 26.31 -9.72
N LEU B 150 -12.84 26.07 -10.10
CA LEU B 150 -11.75 27.00 -9.84
C LEU B 150 -11.23 27.55 -11.15
N PRO B 151 -11.47 28.82 -11.47
CA PRO B 151 -11.10 29.34 -12.79
C PRO B 151 -9.59 29.37 -13.00
N ALA B 152 -9.20 29.64 -14.25
CA ALA B 152 -7.79 29.69 -14.61
C ALA B 152 -7.04 30.77 -13.83
N SER B 153 -7.71 31.87 -13.51
CA SER B 153 -7.09 32.88 -12.66
C SER B 153 -6.74 32.32 -11.28
N TRP B 154 -7.53 31.38 -10.78
CA TRP B 154 -7.18 30.69 -9.53
C TRP B 154 -6.31 29.47 -9.77
N LYS B 155 -6.35 28.89 -10.98
CA LYS B 155 -5.37 27.91 -11.38
C LYS B 155 -3.96 28.49 -11.41
N LYS B 156 -3.84 29.80 -11.57
CA LYS B 156 -2.54 30.45 -11.54
C LYS B 156 -1.76 30.12 -10.26
N CYS B 157 -2.46 30.02 -9.14
CA CYS B 157 -1.86 29.71 -7.85
C CYS B 157 -2.35 28.37 -7.32
N PHE B 158 -2.56 27.41 -8.22
CA PHE B 158 -3.09 26.11 -7.81
C PHE B 158 -2.11 25.36 -6.93
N GLU B 159 -0.82 25.42 -7.26
CA GLU B 159 0.19 24.75 -6.44
C GLU B 159 1.54 25.40 -6.69
N TYR B 160 2.48 25.15 -5.76
CA TYR B 160 3.87 25.55 -5.96
C TYR B 160 4.74 24.57 -5.17
N ASP B 161 5.22 23.53 -5.84
CA ASP B 161 6.21 22.60 -5.30
C ASP B 161 5.81 22.08 -3.92
N GLY B 162 4.72 21.32 -3.91
CA GLY B 162 4.16 20.88 -2.64
C GLY B 162 2.69 21.20 -2.50
N PHE B 163 2.38 22.13 -1.60
CA PHE B 163 1.02 22.63 -1.38
C PHE B 163 0.25 22.76 -2.69
N ASP B 164 -0.93 22.16 -2.73
CA ASP B 164 -1.84 22.24 -3.86
C ASP B 164 -3.17 22.81 -3.38
N LEU B 165 -3.72 23.77 -4.11
CA LEU B 165 -4.91 24.47 -3.65
C LEU B 165 -6.10 23.53 -3.51
N HIS B 166 -6.36 22.72 -4.55
CA HIS B 166 -7.46 21.76 -4.46
C HIS B 166 -7.17 20.70 -3.41
N ASP B 167 -5.90 20.26 -3.32
CA ASP B 167 -5.54 19.26 -2.33
C ASP B 167 -5.74 19.77 -0.91
N ARG B 168 -5.34 21.01 -0.65
CA ARG B 168 -5.49 21.55 0.71
C ARG B 168 -6.96 21.88 1.02
N ILE B 169 -7.72 22.32 0.02
CA ILE B 169 -9.15 22.52 0.22
C ILE B 169 -9.82 21.19 0.57
N LYS B 170 -9.46 20.13 -0.15
CA LYS B 170 -9.99 18.81 0.15
C LYS B 170 -9.54 18.32 1.53
N ALA B 171 -8.30 18.63 1.91
CA ALA B 171 -7.80 18.24 3.22
C ALA B 171 -8.57 18.91 4.33
N LYS B 172 -8.90 20.19 4.16
CA LYS B 172 -9.67 20.91 5.17
C LYS B 172 -11.15 20.55 5.13
N VAL B 173 -11.65 20.02 4.01
CA VAL B 173 -13.06 19.67 3.91
C VAL B 173 -13.35 18.25 4.40
N ALA B 174 -12.43 17.31 4.15
CA ALA B 174 -12.68 15.89 4.40
C ALA B 174 -12.99 15.53 5.86
N PRO B 175 -12.26 16.03 6.87
CA PRO B 175 -12.50 15.52 8.24
C PRO B 175 -13.91 15.77 8.74
N LEU B 176 -14.70 16.59 8.05
CA LEU B 176 -16.07 16.87 8.41
C LEU B 176 -17.09 16.18 7.51
N ASN B 177 -16.67 15.14 6.79
CA ASN B 177 -17.53 14.17 6.09
C ASN B 177 -18.52 14.86 5.14
N LEU B 178 -17.94 15.46 4.09
CA LEU B 178 -18.73 15.90 2.93
C LEU B 178 -17.88 15.83 1.66
N PRO B 179 -18.35 15.11 0.62
CA PRO B 179 -17.54 14.94 -0.58
C PRO B 179 -17.60 16.14 -1.51
N ILE B 180 -16.52 16.34 -2.26
CA ILE B 180 -16.43 17.40 -3.26
C ILE B 180 -15.88 16.81 -4.54
N GLN B 181 -16.10 17.53 -5.64
CA GLN B 181 -15.60 17.15 -6.96
C GLN B 181 -15.05 18.39 -7.66
N ILE B 182 -13.80 18.35 -8.06
CA ILE B 182 -13.15 19.50 -8.67
C ILE B 182 -13.32 19.43 -10.18
N ILE B 183 -13.85 20.50 -10.77
CA ILE B 183 -14.01 20.62 -12.21
C ILE B 183 -13.15 21.78 -12.68
N ASN B 184 -12.13 21.48 -13.47
CA ASN B 184 -11.19 22.47 -13.97
C ASN B 184 -11.51 22.81 -15.42
N ASP B 185 -10.76 23.76 -15.97
CA ASP B 185 -11.03 24.26 -17.32
C ASP B 185 -10.83 23.22 -18.41
N THR B 186 -10.11 22.13 -18.13
CA THR B 186 -9.90 21.11 -19.15
C THR B 186 -11.20 20.43 -19.54
N ALA B 187 -12.07 20.16 -18.55
CA ALA B 187 -13.31 19.44 -18.83
C ALA B 187 -14.20 20.21 -19.80
N LEU B 188 -14.30 21.53 -19.62
CA LEU B 188 -15.12 22.33 -20.53
C LEU B 188 -14.49 22.41 -21.91
N THR B 189 -13.16 22.47 -21.97
CA THR B 189 -12.41 22.51 -23.22
C THR B 189 -12.06 21.10 -23.67
N ARG B 190 -11.10 20.99 -24.58
CA ARG B 190 -10.50 19.75 -25.11
C ARG B 190 -11.37 19.09 -26.18
N GLN B 191 -12.56 19.62 -26.45
CA GLN B 191 -13.38 19.38 -27.64
C GLN B 191 -13.68 17.89 -27.90
N CYS B 192 -13.28 17.02 -26.98
CA CYS B 192 -13.62 15.60 -27.08
C CYS B 192 -14.60 15.28 -25.95
N ARG B 193 -15.89 15.46 -26.22
CA ARG B 193 -16.89 15.37 -25.16
C ARG B 193 -16.99 13.97 -24.56
N ALA B 194 -16.92 12.94 -25.40
CA ALA B 194 -17.14 11.58 -24.90
C ALA B 194 -16.09 11.18 -23.88
N ASN B 195 -14.83 11.56 -24.10
CA ASN B 195 -13.77 11.21 -23.16
C ASN B 195 -14.01 11.84 -21.79
N VAL B 196 -14.38 13.12 -21.78
CA VAL B 196 -14.63 13.81 -20.52
C VAL B 196 -15.88 13.24 -19.84
N MET B 197 -16.90 12.92 -20.62
CA MET B 197 -18.19 12.54 -20.06
C MET B 197 -18.09 11.28 -19.22
N TRP B 198 -17.32 10.29 -19.71
CA TRP B 198 -17.16 9.04 -18.97
C TRP B 198 -16.27 9.22 -17.75
N GLY B 199 -15.39 10.23 -17.75
CA GLY B 199 -14.48 10.41 -16.64
C GLY B 199 -15.10 11.10 -15.44
N VAL B 200 -16.12 11.92 -15.66
CA VAL B 200 -16.73 12.68 -14.57
C VAL B 200 -17.98 11.98 -14.05
N SER B 201 -18.76 11.37 -14.94
CA SER B 201 -20.00 10.72 -14.52
C SER B 201 -19.74 9.58 -13.55
N VAL B 202 -18.71 8.76 -13.83
CA VAL B 202 -18.38 7.64 -12.94
C VAL B 202 -17.94 8.17 -11.58
N ALA B 203 -17.12 9.22 -11.56
CA ALA B 203 -16.63 9.75 -10.30
C ALA B 203 -17.77 10.31 -9.45
N LEU B 204 -18.73 10.99 -10.09
CA LEU B 204 -19.87 11.51 -9.35
C LEU B 204 -20.68 10.39 -8.69
N TYR B 205 -20.93 9.30 -9.43
CA TYR B 205 -21.67 8.18 -8.87
C TYR B 205 -20.90 7.51 -7.75
N ALA B 206 -19.57 7.39 -7.92
CA ALA B 206 -18.76 6.78 -6.87
C ALA B 206 -18.76 7.62 -5.60
N LYS B 207 -18.67 8.95 -5.74
CA LYS B 207 -18.66 9.81 -4.57
C LYS B 207 -20.04 9.93 -3.95
N ALA B 208 -21.11 9.69 -4.72
CA ALA B 208 -22.44 9.72 -4.16
C ALA B 208 -22.68 8.56 -3.20
N GLY B 209 -21.94 7.46 -3.38
CA GLY B 209 -22.05 6.32 -2.48
C GLY B 209 -22.21 5.01 -3.22
N GLY B 210 -22.37 5.07 -4.54
CA GLY B 210 -22.57 3.87 -5.33
C GLY B 210 -21.29 3.14 -5.65
N ILE B 211 -21.45 1.98 -6.27
CA ILE B 211 -20.34 1.14 -6.69
C ILE B 211 -20.48 0.89 -8.19
N PRO B 212 -19.65 1.55 -9.01
CA PRO B 212 -19.75 1.38 -10.47
C PRO B 212 -19.61 -0.07 -10.92
N TRP B 213 -18.48 -0.70 -10.59
CA TRP B 213 -18.25 -2.10 -10.94
C TRP B 213 -17.49 -2.78 -9.81
N LYS B 214 -17.13 -4.03 -10.03
CA LYS B 214 -16.53 -4.85 -8.99
C LYS B 214 -15.87 -6.06 -9.63
N LEU B 215 -14.79 -6.53 -9.02
CA LEU B 215 -14.09 -7.69 -9.54
C LEU B 215 -14.99 -8.93 -9.45
N ALA B 216 -14.94 -9.77 -10.48
CA ALA B 216 -15.80 -10.94 -10.56
C ALA B 216 -15.22 -12.15 -9.86
N ASP B 217 -13.98 -12.08 -9.39
CA ASP B 217 -13.34 -13.17 -8.65
C ASP B 217 -13.23 -12.73 -7.19
N TRP B 218 -14.27 -12.99 -6.42
CA TRP B 218 -14.33 -12.55 -5.03
C TRP B 218 -14.50 -13.70 -4.03
N ASP B 219 -14.53 -14.95 -4.50
CA ASP B 219 -14.76 -16.08 -3.60
C ASP B 219 -13.60 -16.35 -2.67
N LYS B 220 -12.38 -16.01 -3.09
CA LYS B 220 -11.21 -16.20 -2.23
C LYS B 220 -11.30 -15.30 -1.00
N ASP B 221 -10.69 -15.76 0.09
CA ASP B 221 -10.67 -15.01 1.34
C ASP B 221 -9.26 -14.45 1.55
N GLU B 222 -9.08 -13.19 1.19
CA GLU B 222 -7.80 -12.52 1.33
C GLU B 222 -8.04 -11.05 1.64
N ALA B 223 -6.95 -10.34 1.91
CA ALA B 223 -7.01 -8.90 2.12
C ALA B 223 -5.71 -8.30 1.63
N TYR B 224 -5.79 -7.05 1.17
CA TYR B 224 -4.64 -6.34 0.63
C TYR B 224 -4.50 -5.01 1.35
N ILE B 225 -3.33 -4.77 1.94
CA ILE B 225 -3.06 -3.56 2.69
C ILE B 225 -1.95 -2.80 2.00
N GLY B 226 -2.15 -1.50 1.84
CA GLY B 226 -1.16 -0.63 1.23
C GLY B 226 -0.73 0.46 2.17
N LEU B 227 0.58 0.66 2.28
CA LEU B 227 1.15 1.62 3.21
C LEU B 227 1.88 2.71 2.42
N SER B 228 1.73 3.95 2.89
CA SER B 228 2.44 5.07 2.31
C SER B 228 2.70 6.10 3.39
N TYR B 229 3.75 6.89 3.20
CA TYR B 229 4.16 7.88 4.18
C TYR B 229 4.34 9.23 3.51
N ALA B 230 4.24 10.28 4.32
CA ALA B 230 4.48 11.65 3.88
C ALA B 230 5.11 12.42 5.04
N ILE B 231 6.15 13.18 4.73
CA ILE B 231 6.87 13.96 5.74
C ILE B 231 6.18 15.31 5.88
N LYS B 232 5.77 15.64 7.11
CA LYS B 232 5.10 16.90 7.40
C LYS B 232 5.81 17.60 8.54
N LYS B 233 5.72 18.93 8.53
CA LYS B 233 6.37 19.77 9.53
C LYS B 233 5.28 20.40 10.41
N ASN B 234 5.19 19.93 11.65
CA ASN B 234 4.24 20.49 12.60
C ASN B 234 4.83 21.76 13.21
N ALA B 235 4.18 22.29 14.24
CA ALA B 235 4.67 23.48 14.91
C ALA B 235 6.00 23.19 15.61
N GLU B 236 6.59 24.25 16.17
CA GLU B 236 7.87 24.22 16.90
C GLU B 236 8.94 23.41 16.17
N GLY B 237 8.84 23.32 14.84
CA GLY B 237 9.85 22.69 14.01
C GLY B 237 10.25 21.29 14.38
N GLN B 238 9.33 20.34 14.26
CA GLN B 238 9.61 18.94 14.55
C GLN B 238 9.12 18.07 13.41
N GLU B 239 9.88 17.03 13.09
CA GLU B 239 9.55 16.16 11.97
C GLU B 239 8.55 15.09 12.41
N TYR B 240 7.53 14.87 11.59
CA TYR B 240 6.50 13.87 11.86
C TYR B 240 6.22 13.09 10.59
N THR B 241 5.74 11.86 10.76
CA THR B 241 5.42 10.97 9.66
C THR B 241 3.97 10.53 9.77
N THR B 242 3.22 10.67 8.68
CA THR B 242 1.81 10.30 8.61
C THR B 242 1.70 9.01 7.81
N CYS B 243 1.70 7.88 8.51
CA CYS B 243 1.60 6.57 7.87
C CYS B 243 0.14 6.20 7.70
N CYS B 244 -0.35 6.30 6.46
CA CYS B 244 -1.72 5.94 6.16
C CYS B 244 -1.80 4.49 5.68
N SER B 245 -2.91 3.83 5.99
CA SER B 245 -3.09 2.43 5.64
C SER B 245 -4.52 2.24 5.14
N GLN B 246 -4.69 1.24 4.29
CA GLN B 246 -5.98 0.98 3.66
C GLN B 246 -6.07 -0.49 3.31
N VAL B 247 -7.22 -1.10 3.62
CA VAL B 247 -7.43 -2.53 3.49
C VAL B 247 -8.49 -2.79 2.43
N PHE B 248 -8.24 -3.79 1.58
CA PHE B 248 -9.14 -4.14 0.50
C PHE B 248 -9.66 -5.56 0.66
N ASP B 249 -10.80 -5.81 0.04
CA ASP B 249 -11.35 -7.14 -0.18
C ASP B 249 -10.94 -7.64 -1.55
N PRO B 250 -11.07 -8.94 -1.82
CA PRO B 250 -10.71 -9.45 -3.15
C PRO B 250 -11.61 -8.91 -4.25
N ASP B 251 -12.55 -8.03 -3.92
CA ASP B 251 -13.44 -7.41 -4.89
C ASP B 251 -13.37 -5.88 -4.80
N GLY B 252 -12.18 -5.35 -4.55
CA GLY B 252 -12.00 -3.91 -4.49
C GLY B 252 -12.50 -3.27 -3.23
N THR B 253 -13.48 -2.35 -3.37
CA THR B 253 -14.07 -1.59 -2.27
C THR B 253 -13.01 -0.92 -1.40
N GLY B 254 -12.94 -1.26 -0.12
CA GLY B 254 -11.98 -0.64 0.77
C GLY B 254 -12.29 0.81 1.09
N PHE B 255 -13.35 1.03 1.88
CA PHE B 255 -13.90 2.37 2.06
C PHE B 255 -13.29 3.17 3.22
N GLU B 256 -12.37 2.59 4.00
CA GLU B 256 -11.89 3.22 5.22
C GLU B 256 -10.37 3.19 5.29
N PHE B 257 -9.81 4.08 6.11
CA PHE B 257 -8.36 4.12 6.28
C PHE B 257 -8.03 4.12 7.76
N VAL B 258 -6.74 3.98 8.05
CA VAL B 258 -6.17 4.30 9.34
C VAL B 258 -5.10 5.36 9.13
N ALA B 259 -5.34 6.56 9.66
CA ALA B 259 -4.37 7.64 9.59
C ALA B 259 -3.68 7.77 10.94
N TYR B 260 -2.36 7.69 10.92
CA TYR B 260 -1.59 7.64 12.16
C TYR B 260 -0.34 8.49 12.02
N ASP B 261 -0.08 9.33 13.02
CA ASP B 261 1.09 10.19 13.04
C ASP B 261 2.10 9.64 14.04
N THR B 262 3.36 9.58 13.63
CA THR B 262 4.41 8.99 14.44
C THR B 262 5.65 9.88 14.47
N ARG B 263 6.45 9.72 15.52
CA ARG B 263 7.71 10.41 15.67
C ARG B 263 8.91 9.47 15.62
N GLU B 264 8.77 8.25 16.15
CA GLU B 264 9.85 7.28 16.17
C GLU B 264 10.00 6.65 14.79
N PHE B 265 10.93 7.15 13.99
CA PHE B 265 11.20 6.59 12.67
C PHE B 265 12.59 7.00 12.23
N ILE B 266 13.33 6.05 11.66
CA ILE B 266 14.63 6.33 11.05
C ILE B 266 14.39 6.83 9.63
N THR B 267 15.43 7.38 9.00
CA THR B 267 15.33 7.85 7.63
C THR B 267 16.64 7.60 6.91
N ASP B 268 16.57 6.95 5.75
CA ASP B 268 17.76 6.67 4.95
C ASP B 268 18.15 7.93 4.18
N ARG B 269 19.11 7.80 3.27
CA ARG B 269 19.59 8.96 2.52
C ARG B 269 18.79 9.17 1.24
N LYS B 270 17.46 9.14 1.36
CA LYS B 270 16.59 9.55 0.27
C LYS B 270 15.34 10.26 0.79
N GLY B 271 15.20 10.43 2.10
CA GLY B 271 13.98 10.95 2.68
C GLY B 271 12.91 9.92 2.98
N ASN B 272 13.13 8.67 2.61
CA ASN B 272 12.14 7.63 2.86
C ASN B 272 12.17 7.23 4.33
N PRO B 273 11.07 7.35 5.06
CA PRO B 273 11.05 6.94 6.46
C PRO B 273 10.85 5.44 6.62
N TYR B 274 11.27 4.96 7.80
CA TYR B 274 11.09 3.56 8.17
C TYR B 274 10.57 3.50 9.58
N LEU B 275 9.39 2.90 9.75
CA LEU B 275 8.80 2.79 11.08
C LEU B 275 9.56 1.78 11.92
N SER B 276 9.51 1.97 13.24
CA SER B 276 10.11 1.02 14.16
C SER B 276 9.17 -0.17 14.35
N TYR B 277 9.57 -1.08 15.25
CA TYR B 277 8.75 -2.26 15.51
C TYR B 277 7.40 -1.88 16.10
N GLN B 278 7.40 -1.01 17.12
CA GLN B 278 6.16 -0.66 17.79
C GLN B 278 5.23 0.12 16.88
N GLU B 279 5.77 1.05 16.09
CA GLU B 279 4.91 1.85 15.22
C GLU B 279 4.25 1.00 14.16
N MET B 280 5.01 0.10 13.53
CA MET B 280 4.44 -0.79 12.53
C MET B 280 3.41 -1.72 13.15
N GLN B 281 3.71 -2.25 14.35
CA GLN B 281 2.75 -3.11 15.03
C GLN B 281 1.46 -2.37 15.33
N SER B 282 1.55 -1.13 15.79
CA SER B 282 0.36 -0.36 16.09
C SER B 282 -0.45 -0.07 14.82
N VAL B 283 0.24 0.30 13.74
CA VAL B 283 -0.47 0.62 12.50
C VAL B 283 -1.21 -0.62 11.99
N LEU B 284 -0.54 -1.77 11.99
CA LEU B 284 -1.18 -2.97 11.47
C LEU B 284 -2.28 -3.47 12.40
N SER B 285 -2.12 -3.31 13.72
CA SER B 285 -3.19 -3.69 14.63
C SER B 285 -4.41 -2.82 14.43
N LYS B 286 -4.21 -1.51 14.21
CA LYS B 286 -5.35 -0.64 13.93
C LYS B 286 -6.00 -0.99 12.60
N SER B 287 -5.19 -1.39 11.60
CA SER B 287 -5.76 -1.83 10.34
C SER B 287 -6.62 -3.07 10.51
N LEU B 288 -6.14 -4.04 11.29
CA LEU B 288 -6.94 -5.23 11.56
C LEU B 288 -8.20 -4.90 12.33
N HIS B 289 -8.11 -3.99 13.30
CA HIS B 289 -9.29 -3.55 14.03
C HIS B 289 -10.31 -2.91 13.10
N LEU B 290 -9.84 -2.10 12.15
CA LEU B 290 -10.76 -1.52 11.17
C LEU B 290 -11.41 -2.59 10.31
N TYR B 291 -10.62 -3.56 9.83
CA TYR B 291 -11.17 -4.58 8.95
C TYR B 291 -12.20 -5.43 9.68
N GLN B 292 -11.95 -5.75 10.95
CA GLN B 292 -12.88 -6.58 11.70
C GLN B 292 -14.20 -5.85 11.96
N SER B 293 -14.14 -4.54 12.19
CA SER B 293 -15.36 -3.79 12.46
C SER B 293 -16.29 -3.76 11.26
N SER B 294 -15.74 -3.61 10.06
CA SER B 294 -16.55 -3.47 8.86
C SER B 294 -17.00 -4.81 8.27
N HIS B 295 -16.50 -5.94 8.78
CA HIS B 295 -16.84 -7.24 8.24
C HIS B 295 -17.43 -8.17 9.29
N ASN B 296 -17.91 -7.61 10.39
CA ASN B 296 -18.61 -8.36 11.44
C ASN B 296 -17.71 -9.45 12.04
N GLY B 297 -16.52 -9.06 12.45
CA GLY B 297 -15.66 -9.96 13.19
C GLY B 297 -15.04 -11.09 12.38
N ARG B 298 -14.91 -10.93 11.07
CA ARG B 298 -14.25 -11.92 10.24
C ARG B 298 -12.77 -11.56 10.09
N MET B 299 -11.91 -12.57 10.13
CA MET B 299 -10.49 -12.37 9.97
C MET B 299 -10.01 -13.00 8.67
N PRO B 300 -9.25 -12.29 7.85
CA PRO B 300 -8.76 -12.88 6.60
C PRO B 300 -7.77 -14.00 6.88
N ARG B 301 -7.78 -15.00 5.99
CA ARG B 301 -6.86 -16.12 6.13
C ARG B 301 -5.48 -15.80 5.56
N LYS B 302 -5.41 -14.97 4.53
CA LYS B 302 -4.15 -14.55 3.93
C LYS B 302 -4.17 -13.04 3.80
N ILE B 303 -3.02 -12.41 4.03
CA ILE B 303 -2.91 -10.96 4.03
C ILE B 303 -1.74 -10.55 3.14
N PHE B 304 -1.99 -9.64 2.21
CA PHE B 304 -0.98 -9.07 1.34
C PHE B 304 -0.67 -7.66 1.80
N ILE B 305 0.61 -7.36 1.98
CA ILE B 305 1.04 -6.02 2.39
C ILE B 305 1.96 -5.47 1.30
N HIS B 306 1.53 -4.37 0.69
CA HIS B 306 2.26 -3.74 -0.41
C HIS B 306 2.89 -2.44 0.06
N LYS B 307 4.19 -2.30 -0.20
CA LYS B 307 4.93 -1.10 0.15
C LYS B 307 5.89 -0.74 -0.97
N THR B 308 6.12 0.56 -1.16
CA THR B 308 7.04 1.01 -2.18
C THR B 308 8.49 0.77 -1.80
N THR B 309 8.86 1.03 -0.55
CA THR B 309 10.22 0.82 -0.07
C THR B 309 10.35 -0.57 0.56
N HIS B 310 11.60 -0.98 0.76
CA HIS B 310 11.87 -2.30 1.31
C HIS B 310 11.44 -2.36 2.78
N PHE B 311 11.43 -3.58 3.31
CA PHE B 311 11.03 -3.83 4.69
C PHE B 311 12.26 -4.05 5.54
N THR B 312 12.40 -3.24 6.60
CA THR B 312 13.49 -3.43 7.54
C THR B 312 13.24 -4.68 8.38
N GLU B 313 14.31 -5.16 9.03
CA GLU B 313 14.18 -6.35 9.87
C GLU B 313 13.20 -6.12 11.00
N ASP B 314 13.08 -4.89 11.47
CA ASP B 314 12.12 -4.58 12.53
C ASP B 314 10.69 -4.57 12.00
N GLU B 315 10.50 -4.06 10.77
CA GLU B 315 9.14 -3.94 10.24
C GLU B 315 8.56 -5.31 9.89
N ILE B 316 9.40 -6.26 9.49
CA ILE B 316 8.92 -7.60 9.22
C ILE B 316 8.43 -8.27 10.50
N GLN B 317 9.20 -8.13 11.58
CA GLN B 317 8.79 -8.71 12.86
C GLN B 317 7.58 -7.97 13.42
N GLY B 318 7.47 -6.67 13.15
CA GLY B 318 6.31 -5.93 13.59
C GLY B 318 5.03 -6.39 12.91
N ALA B 319 5.14 -6.80 11.64
CA ALA B 319 3.96 -7.26 10.91
C ALA B 319 3.49 -8.61 11.43
N PHE B 320 4.43 -9.50 11.77
CA PHE B 320 4.06 -10.84 12.21
C PHE B 320 3.45 -10.86 13.61
N ASP B 321 3.64 -9.80 14.40
CA ASP B 321 3.11 -9.73 15.75
C ASP B 321 1.79 -8.97 15.83
N SER B 322 1.21 -8.61 14.69
CA SER B 322 -0.06 -7.89 14.67
C SER B 322 -1.25 -8.76 14.35
N PHE B 323 -1.09 -9.80 13.56
CA PHE B 323 -2.14 -10.74 13.22
C PHE B 323 -1.92 -12.04 13.99
N SER B 324 -2.89 -12.95 13.88
CA SER B 324 -2.83 -14.20 14.64
C SER B 324 -1.72 -15.09 14.09
N SER B 325 -1.47 -16.19 14.80
CA SER B 325 -0.40 -17.11 14.45
C SER B 325 -0.80 -18.13 13.39
N SER B 326 -2.05 -18.12 12.95
CA SER B 326 -2.52 -19.03 11.90
C SER B 326 -2.87 -18.28 10.63
N THR B 327 -2.37 -17.05 10.47
CA THR B 327 -2.66 -16.22 9.31
C THR B 327 -1.39 -16.08 8.49
N GLU B 328 -1.46 -16.47 7.21
CA GLU B 328 -0.30 -16.37 6.34
C GLU B 328 -0.11 -14.93 5.89
N ILE B 329 1.03 -14.34 6.27
CA ILE B 329 1.34 -12.95 5.96
C ILE B 329 2.44 -12.94 4.90
N GLU B 330 2.22 -12.17 3.83
CA GLU B 330 3.16 -12.11 2.71
C GLU B 330 3.39 -10.65 2.35
N LEU B 331 4.65 -10.22 2.42
CA LEU B 331 5.02 -8.82 2.22
C LEU B 331 5.67 -8.66 0.86
N VAL B 332 5.23 -7.68 0.08
CA VAL B 332 5.69 -7.44 -1.28
C VAL B 332 6.13 -6.00 -1.41
N GLN B 333 7.28 -5.79 -2.05
CA GLN B 333 7.76 -4.46 -2.39
C GLN B 333 7.67 -4.26 -3.90
N ILE B 334 7.11 -3.14 -4.32
CA ILE B 334 6.86 -2.84 -5.72
C ILE B 334 7.70 -1.64 -6.13
N ILE B 335 8.52 -1.81 -7.16
CA ILE B 335 9.40 -0.76 -7.66
C ILE B 335 8.89 -0.30 -9.01
N GLN B 336 8.73 1.02 -9.16
CA GLN B 336 8.16 1.58 -10.39
C GLN B 336 9.13 1.58 -11.56
N SER B 337 10.40 1.87 -11.31
CA SER B 337 11.39 2.05 -12.37
C SER B 337 12.34 0.86 -12.42
N THR B 338 12.54 0.33 -13.63
CA THR B 338 13.38 -0.85 -13.83
C THR B 338 14.18 -0.65 -15.10
N ASN B 339 15.38 -1.23 -15.12
CA ASN B 339 16.29 -1.13 -16.27
C ASN B 339 15.97 -2.13 -17.37
N TRP B 340 15.01 -3.01 -17.16
CA TRP B 340 14.65 -4.04 -18.14
C TRP B 340 13.47 -3.60 -18.98
N TYR B 341 13.47 -3.99 -20.25
CA TYR B 341 12.30 -3.88 -21.11
C TYR B 341 12.29 -5.08 -22.04
N GLY B 342 11.10 -5.42 -22.55
CA GLY B 342 10.90 -6.66 -23.27
C GLY B 342 10.30 -6.44 -24.64
N LEU B 343 10.64 -7.35 -25.56
CA LEU B 343 10.10 -7.35 -26.91
C LEU B 343 9.55 -8.74 -27.22
N LYS B 344 8.49 -8.78 -28.02
CA LYS B 344 7.85 -10.03 -28.40
C LYS B 344 8.34 -10.45 -29.77
N VAL B 345 8.74 -11.72 -29.89
CA VAL B 345 9.24 -12.28 -31.14
C VAL B 345 8.49 -13.59 -31.42
N ASP B 346 7.43 -13.50 -32.22
CA ASP B 346 6.66 -14.64 -32.67
C ASP B 346 7.01 -14.94 -34.13
N GLY B 347 6.24 -15.82 -34.76
CA GLY B 347 6.47 -16.14 -36.16
C GLY B 347 6.21 -17.59 -36.49
N LYS B 348 7.21 -18.25 -37.09
CA LYS B 348 7.12 -19.65 -37.48
C LYS B 348 5.90 -19.93 -38.33
N LYS B 349 4.85 -20.49 -37.71
CA LYS B 349 3.66 -20.95 -38.42
C LYS B 349 4.08 -21.81 -39.60
N GLY B 350 3.74 -21.37 -40.81
CA GLY B 350 4.28 -22.02 -42.00
C GLY B 350 4.97 -21.06 -42.94
N ASP B 351 4.56 -19.79 -42.91
CA ASP B 351 5.04 -18.79 -43.86
C ASP B 351 6.53 -18.47 -43.72
N LYS B 352 6.92 -17.87 -42.60
CA LYS B 352 8.25 -17.31 -42.43
C LYS B 352 8.83 -17.70 -41.07
N PRO B 353 10.15 -17.64 -40.88
CA PRO B 353 10.71 -17.92 -39.55
C PRO B 353 10.44 -16.80 -38.55
N VAL B 354 11.03 -16.91 -37.37
CA VAL B 354 10.77 -15.98 -36.27
C VAL B 354 11.05 -14.54 -36.68
N ALA B 355 10.29 -13.61 -36.14
CA ALA B 355 10.45 -12.19 -36.44
C ALA B 355 9.80 -11.40 -35.32
N PRO B 356 10.21 -10.14 -35.11
CA PRO B 356 9.57 -9.32 -34.08
C PRO B 356 8.09 -9.14 -34.37
N ALA B 357 7.29 -9.14 -33.31
CA ALA B 357 5.86 -8.98 -33.45
C ALA B 357 5.49 -7.55 -33.77
N SER B 358 4.30 -7.37 -34.33
CA SER B 358 3.82 -6.04 -34.70
C SER B 358 3.41 -5.22 -33.48
N TYR B 359 3.13 -5.86 -32.36
CA TYR B 359 2.59 -5.20 -31.18
C TYR B 359 3.39 -5.60 -29.96
N PRO B 360 3.40 -4.76 -28.91
CA PRO B 360 4.24 -5.05 -27.73
C PRO B 360 3.78 -6.25 -26.92
N VAL B 361 4.47 -6.50 -25.81
CA VAL B 361 4.19 -7.68 -24.99
C VAL B 361 2.80 -7.59 -24.38
N ASP B 362 2.28 -8.75 -24.00
CA ASP B 362 0.95 -8.82 -23.39
C ASP B 362 0.94 -8.17 -22.03
N ARG B 363 -0.25 -7.80 -21.57
CA ARG B 363 -0.38 -7.12 -20.28
C ARG B 363 -0.07 -8.05 -19.12
N GLY B 364 -0.53 -9.30 -19.19
CA GLY B 364 -0.45 -10.21 -18.07
C GLY B 364 0.81 -11.03 -17.98
N LEU B 365 1.79 -10.80 -18.85
CA LEU B 365 3.03 -11.57 -18.80
C LEU B 365 3.83 -11.21 -17.55
N TYR B 366 4.34 -12.23 -16.87
CA TYR B 366 5.25 -12.02 -15.75
C TYR B 366 6.41 -12.99 -15.86
N GLN B 367 7.61 -12.50 -15.56
CA GLN B 367 8.85 -13.25 -15.76
C GLN B 367 9.60 -13.35 -14.43
N PRO B 368 9.72 -14.53 -13.83
CA PRO B 368 10.55 -14.65 -12.64
C PRO B 368 12.03 -14.55 -12.99
N LEU B 369 12.77 -13.80 -12.15
CA LEU B 369 14.20 -13.59 -12.35
C LEU B 369 15.07 -14.35 -11.38
N THR B 370 14.85 -14.19 -10.08
CA THR B 370 15.69 -14.80 -9.07
C THR B 370 14.80 -15.40 -7.98
N GLU B 371 15.42 -15.77 -6.87
CA GLU B 371 14.69 -16.39 -5.77
C GLU B 371 13.73 -15.42 -5.07
N SER B 372 13.85 -14.12 -5.31
CA SER B 372 12.98 -13.16 -4.64
C SER B 372 12.42 -12.07 -5.54
N GLU B 373 12.81 -11.99 -6.81
CA GLU B 373 12.42 -10.90 -7.68
C GLU B 373 11.70 -11.43 -8.91
N CYS B 374 10.73 -10.66 -9.40
CA CYS B 374 9.98 -11.03 -10.59
C CYS B 374 9.64 -9.77 -11.37
N LEU B 375 9.41 -9.94 -12.67
CA LEU B 375 9.05 -8.84 -13.56
C LEU B 375 7.61 -8.99 -14.00
N LEU B 376 6.73 -8.16 -13.45
CA LEU B 376 5.33 -8.11 -13.86
C LEU B 376 5.13 -6.89 -14.74
N TRP B 377 4.29 -7.04 -15.76
CA TRP B 377 4.15 -6.00 -16.78
C TRP B 377 3.08 -4.98 -16.43
N THR B 378 1.83 -5.42 -16.28
CA THR B 378 0.67 -4.57 -16.04
C THR B 378 0.52 -3.48 -17.07
N GLN B 379 1.14 -3.63 -18.24
CA GLN B 379 1.14 -2.57 -19.25
C GLN B 379 1.60 -3.18 -20.56
N GLY B 380 0.79 -3.08 -21.61
CA GLY B 380 1.16 -3.60 -22.90
C GLY B 380 -0.07 -3.91 -23.73
N SER B 381 0.07 -4.92 -24.59
CA SER B 381 -1.00 -5.29 -25.49
C SER B 381 -2.13 -6.01 -24.75
N VAL B 382 -3.35 -5.56 -25.00
CA VAL B 382 -4.55 -6.18 -24.44
C VAL B 382 -5.55 -6.41 -25.56
N MET B 383 -6.09 -7.62 -25.64
CA MET B 383 -7.03 -7.98 -26.69
C MET B 383 -8.45 -8.06 -26.13
N GLY B 384 -9.42 -8.04 -27.04
CA GLY B 384 -10.82 -8.18 -26.68
C GLY B 384 -11.49 -6.92 -26.20
N VAL B 385 -10.82 -5.77 -26.23
CA VAL B 385 -11.38 -4.51 -25.79
C VAL B 385 -11.35 -3.44 -26.87
N ASN B 386 -11.15 -3.84 -28.13
CA ASN B 386 -11.07 -2.89 -29.22
C ASN B 386 -12.46 -2.52 -29.70
N GLN B 387 -12.70 -1.22 -29.91
CA GLN B 387 -13.99 -0.73 -30.37
C GLN B 387 -13.96 -0.17 -31.78
N GLN B 388 -12.78 0.21 -32.28
CA GLN B 388 -12.69 0.73 -33.64
C GLN B 388 -12.67 -0.40 -34.66
N ASN B 389 -11.71 -1.32 -34.52
CA ASN B 389 -11.61 -2.48 -35.39
C ASN B 389 -11.45 -3.73 -34.52
N PRO B 390 -12.47 -4.56 -34.40
CA PRO B 390 -12.38 -5.73 -33.53
C PRO B 390 -11.39 -6.77 -34.08
N GLY B 391 -10.85 -7.56 -33.15
CA GLY B 391 -9.90 -8.59 -33.49
C GLY B 391 -8.46 -8.14 -33.55
N GLN B 392 -8.16 -6.89 -33.17
CA GLN B 392 -6.79 -6.39 -33.18
C GLN B 392 -6.41 -5.89 -31.79
N PRO B 393 -5.18 -6.15 -31.34
CA PRO B 393 -4.75 -5.66 -30.03
C PRO B 393 -4.62 -4.15 -30.00
N VAL B 394 -4.79 -3.59 -28.81
CA VAL B 394 -4.63 -2.16 -28.57
C VAL B 394 -3.60 -1.97 -27.47
N PHE B 395 -2.56 -1.18 -27.76
CA PHE B 395 -1.55 -0.90 -26.75
C PHE B 395 -2.03 0.15 -25.76
N LYS B 396 -2.82 1.11 -26.23
CA LYS B 396 -3.51 2.10 -25.39
C LYS B 396 -2.53 3.14 -24.84
N GLU B 397 -1.23 2.92 -25.04
CA GLU B 397 -0.22 3.89 -24.60
C GLU B 397 0.81 4.16 -25.68
N ALA B 398 0.45 4.01 -26.95
CA ALA B 398 1.38 4.31 -28.04
C ALA B 398 1.69 5.81 -28.15
N ALA B 399 0.92 6.66 -27.47
CA ALA B 399 1.16 8.10 -27.49
C ALA B 399 2.25 8.52 -26.52
N LEU B 400 2.27 7.93 -25.32
CA LEU B 400 3.25 8.32 -24.32
C LEU B 400 4.59 7.62 -24.54
N THR B 401 4.60 6.29 -24.44
CA THR B 401 5.81 5.51 -24.60
C THR B 401 5.58 4.42 -25.63
N PRO B 402 6.45 4.33 -26.65
CA PRO B 402 6.26 3.32 -27.69
C PRO B 402 6.40 1.88 -27.20
N LEU B 403 7.05 1.67 -26.05
CA LEU B 403 7.24 0.34 -25.51
C LEU B 403 6.83 0.32 -24.05
N PRO B 404 6.27 -0.80 -23.57
CA PRO B 404 5.90 -0.89 -22.16
C PRO B 404 7.10 -1.12 -21.26
N ASN B 405 6.94 -0.71 -20.01
CA ASN B 405 7.98 -0.87 -19.00
C ASN B 405 7.47 -1.75 -17.87
N PRO B 406 8.17 -2.81 -17.52
CA PRO B 406 7.71 -3.71 -16.45
C PRO B 406 7.95 -3.08 -15.08
N ILE B 407 7.41 -3.74 -14.06
CA ILE B 407 7.66 -3.39 -12.67
C ILE B 407 8.21 -4.61 -11.96
N MET B 408 9.00 -4.36 -10.92
CA MET B 408 9.70 -5.42 -10.19
C MET B 408 9.05 -5.63 -8.83
N LEU B 409 8.84 -6.89 -8.47
CA LEU B 409 8.25 -7.26 -7.20
C LEU B 409 9.27 -8.05 -6.39
N ARG B 410 9.56 -7.59 -5.18
CA ARG B 410 10.42 -8.30 -4.25
C ARG B 410 9.61 -8.75 -3.05
N ARG B 411 9.87 -9.97 -2.58
CA ARG B 411 9.10 -10.57 -1.51
C ARG B 411 10.01 -10.79 -0.31
N PHE B 412 9.62 -10.22 0.84
CA PHE B 412 10.34 -10.41 2.08
C PHE B 412 9.73 -11.47 2.98
N SER B 413 8.67 -12.14 2.52
CA SER B 413 8.02 -13.21 3.26
C SER B 413 7.19 -14.02 2.28
N GLY B 414 6.36 -14.90 2.82
CA GLY B 414 5.50 -15.70 1.98
C GLY B 414 6.07 -17.09 1.74
N ASN B 415 5.17 -18.04 1.51
CA ASN B 415 5.58 -19.43 1.34
C ASN B 415 6.03 -19.72 -0.09
N GLY B 416 5.15 -19.47 -1.05
CA GLY B 416 5.50 -19.70 -2.44
C GLY B 416 4.35 -19.33 -3.35
N GLY B 417 4.68 -19.24 -4.64
CA GLY B 417 3.69 -18.96 -5.65
C GLY B 417 3.70 -17.54 -6.16
N TRP B 418 4.30 -17.33 -7.34
CA TRP B 418 4.24 -16.01 -7.97
C TRP B 418 2.87 -15.75 -8.59
N HIS B 419 2.15 -16.82 -8.94
CA HIS B 419 0.89 -16.68 -9.66
C HIS B 419 -0.13 -15.90 -8.84
N ALA B 420 -0.27 -16.24 -7.56
CA ALA B 420 -1.27 -15.57 -6.72
C ALA B 420 -0.96 -14.08 -6.57
N THR B 421 0.30 -13.74 -6.29
CA THR B 421 0.68 -12.35 -6.11
C THR B 421 0.48 -11.55 -7.38
N CYS B 422 0.94 -12.09 -8.51
CA CYS B 422 0.81 -11.36 -9.78
C CYS B 422 -0.65 -11.20 -10.18
N SER B 423 -1.46 -12.25 -9.97
CA SER B 423 -2.88 -12.16 -10.29
C SER B 423 -3.57 -11.13 -9.41
N SER B 424 -3.25 -11.10 -8.11
CA SER B 424 -3.85 -10.12 -7.22
C SER B 424 -3.49 -8.71 -7.63
N ILE B 425 -2.22 -8.47 -7.97
CA ILE B 425 -1.80 -7.13 -8.38
C ILE B 425 -2.50 -6.72 -9.68
N LEU B 426 -2.56 -7.64 -10.64
CA LEU B 426 -3.20 -7.31 -11.92
C LEU B 426 -4.68 -7.03 -11.73
N ALA B 427 -5.36 -7.80 -10.89
CA ALA B 427 -6.78 -7.56 -10.63
C ALA B 427 -6.98 -6.23 -9.91
N LEU B 428 -6.16 -5.93 -8.91
CA LEU B 428 -6.28 -4.68 -8.19
C LEU B 428 -5.95 -3.47 -9.05
N THR B 429 -5.24 -3.68 -10.15
CA THR B 429 -4.90 -2.58 -11.05
C THR B 429 -6.15 -1.93 -11.67
N LYS B 430 -7.21 -2.71 -11.86
CA LYS B 430 -8.33 -2.30 -12.70
C LYS B 430 -9.47 -1.62 -11.96
N VAL B 431 -9.32 -1.35 -10.66
CA VAL B 431 -10.47 -0.93 -9.87
C VAL B 431 -10.32 0.49 -9.34
N ASP B 432 -9.68 1.36 -10.10
CA ASP B 432 -9.59 2.78 -9.76
C ASP B 432 -10.75 3.52 -10.44
N TRP B 433 -11.53 4.24 -9.64
CA TRP B 433 -12.72 4.91 -10.15
C TRP B 433 -12.48 6.35 -10.57
N ASN B 434 -11.26 6.87 -10.42
CA ASN B 434 -11.00 8.24 -10.84
C ASN B 434 -10.37 8.32 -12.24
N ASN B 435 -10.05 7.18 -12.85
CA ASN B 435 -9.51 7.14 -14.19
C ASN B 435 -10.47 6.39 -15.11
N ASN B 436 -10.51 6.81 -16.38
CA ASN B 436 -11.47 6.29 -17.35
C ASN B 436 -10.89 5.22 -18.26
N THR B 437 -9.59 4.93 -18.15
CA THR B 437 -8.94 3.97 -19.03
C THR B 437 -9.09 2.56 -18.46
N LEU B 438 -8.53 1.56 -19.17
CA LEU B 438 -8.60 0.19 -18.69
C LEU B 438 -7.91 0.03 -17.34
N TYR B 439 -6.66 0.46 -17.23
CA TYR B 439 -5.82 0.05 -16.11
C TYR B 439 -4.93 1.22 -15.70
N LYS B 440 -4.04 0.94 -14.73
CA LYS B 440 -3.03 1.86 -14.26
C LYS B 440 -1.70 1.12 -14.21
N LYS B 441 -0.62 1.85 -13.97
CA LYS B 441 0.68 1.20 -13.87
C LYS B 441 0.87 0.48 -12.54
N LEU B 442 0.30 1.01 -11.47
CA LEU B 442 0.46 0.49 -10.13
C LEU B 442 -0.88 -0.01 -9.58
N PRO B 443 -0.86 -0.96 -8.65
CA PRO B 443 -2.10 -1.40 -8.02
C PRO B 443 -2.75 -0.26 -7.24
N VAL B 444 -4.08 -0.37 -7.09
CA VAL B 444 -4.86 0.72 -6.53
C VAL B 444 -4.49 1.01 -5.08
N THR B 445 -3.98 0.02 -4.34
CA THR B 445 -3.65 0.22 -2.95
C THR B 445 -2.57 1.28 -2.78
N LEU B 446 -1.49 1.18 -3.54
CA LEU B 446 -0.38 2.11 -3.41
C LEU B 446 -0.79 3.53 -3.77
N VAL B 447 -1.48 3.71 -4.91
CA VAL B 447 -1.84 5.05 -5.35
C VAL B 447 -2.86 5.68 -4.40
N TYR B 448 -3.85 4.89 -3.97
CA TYR B 448 -4.82 5.40 -3.01
C TYR B 448 -4.15 5.81 -1.72
N SER B 449 -3.34 4.93 -1.13
CA SER B 449 -2.68 5.27 0.13
C SER B 449 -1.77 6.48 -0.02
N GLN B 450 -1.08 6.59 -1.15
CA GLN B 450 -0.20 7.73 -1.37
C GLN B 450 -0.97 9.04 -1.44
N VAL B 451 -2.06 9.07 -2.20
CA VAL B 451 -2.81 10.32 -2.32
C VAL B 451 -3.48 10.68 -1.01
N PHE B 452 -3.94 9.68 -0.25
CA PHE B 452 -4.59 9.96 1.02
C PHE B 452 -3.58 10.44 2.06
N ALA B 453 -2.37 9.87 2.06
CA ALA B 453 -1.33 10.39 2.93
C ALA B 453 -0.94 11.81 2.55
N ASP B 454 -0.88 12.09 1.25
CA ASP B 454 -0.58 13.45 0.81
C ASP B 454 -1.65 14.43 1.27
N VAL B 455 -2.92 14.02 1.22
CA VAL B 455 -3.99 14.89 1.69
C VAL B 455 -3.90 15.09 3.20
N VAL B 456 -3.68 14.01 3.96
CA VAL B 456 -3.63 14.10 5.40
C VAL B 456 -2.46 14.95 5.87
N LYS B 457 -1.33 14.91 5.14
CA LYS B 457 -0.12 15.62 5.57
C LYS B 457 -0.37 17.10 5.81
N GLN B 458 -1.30 17.70 5.07
CA GLN B 458 -1.55 19.13 5.18
C GLN B 458 -2.34 19.52 6.42
N THR B 459 -2.67 18.57 7.30
CA THR B 459 -3.36 18.99 8.52
C THR B 459 -2.38 19.64 9.48
N PRO B 460 -2.80 20.65 10.25
CA PRO B 460 -1.87 21.28 11.20
C PRO B 460 -1.64 20.46 12.46
N GLU B 461 -2.60 19.64 12.87
CA GLU B 461 -2.56 18.93 14.13
C GLU B 461 -2.17 17.47 13.90
N ILE B 462 -2.13 16.71 15.01
CA ILE B 462 -1.84 15.29 14.97
C ILE B 462 -3.16 14.54 14.92
N VAL B 463 -3.34 13.72 13.89
CA VAL B 463 -4.58 12.99 13.66
C VAL B 463 -4.33 11.51 13.88
N ASN B 464 -5.24 10.86 14.61
CA ASN B 464 -5.22 9.41 14.82
C ASN B 464 -6.64 8.86 14.67
N GLU B 465 -7.34 9.33 13.64
CA GLU B 465 -8.73 8.98 13.41
C GLU B 465 -8.86 8.00 12.26
N ILE B 466 -10.10 7.56 12.04
CA ILE B 466 -10.44 6.62 10.97
C ILE B 466 -11.39 7.34 10.02
N TYR B 467 -11.02 7.42 8.75
CA TYR B 467 -11.72 8.26 7.79
C TYR B 467 -12.47 7.40 6.77
N ASP B 468 -13.18 8.06 5.87
CA ASP B 468 -13.90 7.44 4.77
C ASP B 468 -13.30 7.88 3.45
N TYR B 469 -13.47 7.04 2.43
CA TYR B 469 -12.81 7.27 1.14
C TYR B 469 -13.54 8.25 0.24
N ARG B 470 -14.86 8.41 0.42
CA ARG B 470 -15.59 9.34 -0.43
C ARG B 470 -15.15 10.79 -0.18
N PHE B 471 -14.95 11.15 1.08
CA PHE B 471 -14.61 12.52 1.42
C PHE B 471 -13.20 12.92 1.00
N PHE B 472 -12.30 11.95 0.88
CA PHE B 472 -11.00 12.14 0.27
C PHE B 472 -11.09 11.74 -1.21
N MET B 473 -9.92 11.64 -1.86
CA MET B 473 -9.79 11.25 -3.26
C MET B 473 -10.55 12.18 -4.21
PA NAD C . -19.33 -6.00 23.52
O1A NAD C . -19.04 -7.14 22.59
O2A NAD C . -20.21 -4.99 22.81
O5B NAD C . -17.93 -5.26 23.95
C5B NAD C . -17.12 -4.73 22.92
C4B NAD C . -16.31 -3.59 23.49
O4B NAD C . -14.68 -3.93 23.33
C3B NAD C . -16.54 -2.53 22.83
O3B NAD C . -16.42 -1.35 23.73
C2B NAD C . -15.38 -2.47 21.74
O2B NAD C . -15.15 -1.24 21.37
C1B NAD C . -14.17 -3.04 22.52
N9A NAD C . -13.22 -3.68 21.58
C8A NAD C . -13.53 -4.29 20.47
N7A NAD C . -12.42 -4.74 19.88
C5A NAD C . -11.36 -4.39 20.64
C6A NAD C . -9.98 -4.57 20.57
N6A NAD C . -9.39 -5.28 19.44
N1A NAD C . -9.19 -4.09 21.52
C2A NAD C . -9.73 -3.44 22.55
N3A NAD C . -11.02 -3.25 22.66
C4A NAD C . -11.87 -3.72 21.72
O3 NAD C . -20.12 -6.54 24.85
PN NAD C . -19.40 -7.27 26.13
O1N NAD C . -19.62 -6.41 27.36
O2N NAD C . -17.92 -7.40 25.88
O5D NAD C . -20.06 -8.77 26.39
C5D NAD C . -21.38 -8.84 26.86
C4D NAD C . -21.87 -10.29 26.77
O4D NAD C . -21.70 -10.74 25.59
C3D NAD C . -21.00 -11.23 27.82
O3D NAD C . -21.92 -11.94 28.74
C2D NAD C . -20.37 -12.06 27.15
O2D NAD C . -20.39 -13.41 27.83
C1D NAD C . -21.13 -12.14 25.77
N1N NAD C . -20.30 -12.42 24.75
C2N NAD C . -19.26 -13.23 24.93
C3N NAD C . -18.37 -13.55 23.88
C7N NAD C . -17.16 -14.48 24.11
O7N NAD C . -17.25 -15.40 24.84
N7N NAD C . -15.89 -14.22 23.40
C4N NAD C . -18.62 -13.00 22.64
C5N NAD C . -19.73 -12.16 22.47
C6N NAD C . -20.54 -11.90 23.56
#